data_6MI8
#
_entry.id   6MI8
#
_cell.length_a   1.0
_cell.length_b   1.0
_cell.length_c   1.0
_cell.angle_alpha   90.00
_cell.angle_beta   90.00
_cell.angle_gamma   90.00
#
_symmetry.space_group_name_H-M   'P 1'
#
loop_
_entity.id
_entity.type
_entity.pdbx_description
1 polymer 'Lipopolysaccharide export system ATP-binding protein LptB'
2 polymer 'Lipopolysaccharide export system permease protein LptF'
3 polymer 'Lipopolysaccharide export system permease protein LptG'
4 non-polymer 'ADP ORTHOVANADATE'
#
loop_
_entity_poly.entity_id
_entity_poly.type
_entity_poly.pdbx_seq_one_letter_code
_entity_poly.pdbx_strand_id
1 'polypeptide(L)'
;MGHHHHHHHHMATLTAKNLAKAYKGRRVVEDVSLTVNSGEIVGLLGPNGAGKTTTFYMVVGIVPRDAGNIIIDDDDISLL
PLHARARRGIGYLPQEASIFRRLSVYDNLMAVLQIRDDLSAEQREDRANELMEEFHIEHLRDSMGQSLSGGERRRVEIAR
ALAANPKFILLDEPFAGVDPISVIDIKRIIEHLRDSGLGVLITDHNVRETLAVCERAYIVSQGHLIAHGTPTEILQDEHV
KRVYLGEDFRL
;
A,B
2 'polypeptide(L)'
;MIIIRYLVRETLKSQLAILFILLLIFFCQKLVRILGAAVDGDIPANLVLSLLGLGVPEMAQLILPLSLFLGLLMTLGKLY
TESEITVMHACGLSKAVLVKAAMILAVFTAIVAAVNVMWAGPWSSRHQDEVLAEAKANPGMAALAQGQFQQATNGSSVLF
IESVDGSDFKDVFLAQIRPKGNARPSVVVADSGHLTQLRDGSQVVTLNQGTRFEGTALLRDFRITDFQDYQAIIGHQAVA
LDPNDTDQMDMRTLWNTDTDRARAELNWRITLVFTVFMMALMVVPLSVVNPRQGRVLSMLPAMLLYLLFFLIQTSLKSNG
GKGKLDPTLWMWTVNLIYLALAIVLNLWDTVPVRRLRASFSRKGAV
;
F
3 'polypeptide(L)'
;MQPFGVLDRYIGKTIFTTIMMTLFMLVSLSGIIKFVDQLKKAGQGSYDALGAGMYTLLSVPKDVQIFFPMAALLGALLGL
GMLAQRSELVVMQASGFTRMQVALSVMKTAIPLVLLTMAIGEWVAPQGEQMARNYRAQAMYGGSLLSTQQGLWAKDGNNF
VYIERVKGDEELGGISIYAFNENRRLQSVRYAATAKFDPEHKVWRLSQVDESDLTNPKQITGSQTVSGTWKTNLTPDKLG
VVALDPDALSISGLHNYVKYLKSSGQDAGRYQLNMWSKIFQPLSVAVMMLMALSFIFGPLRSVPMGVRVVTGISFGFVFY
VLDQIFGPLTLVYGIPPIIGALLPSASFFLISLWLLMRKS
;
G
#
# COMPACT_ATOMS: atom_id res chain seq x y z
N ALA A 12 6.88 32.65 -20.21
CA ALA A 12 7.68 31.48 -19.88
C ALA A 12 7.45 30.36 -20.90
N THR A 13 8.38 29.40 -20.95
CA THR A 13 8.34 28.35 -21.96
C THR A 13 9.08 27.12 -21.46
N LEU A 14 8.41 25.96 -21.45
CA LEU A 14 9.05 24.69 -21.19
C LEU A 14 9.22 23.92 -22.49
N THR A 15 10.39 23.32 -22.68
CA THR A 15 10.72 22.65 -23.93
C THR A 15 11.56 21.41 -23.63
N ALA A 16 11.17 20.29 -24.21
CA ALA A 16 11.99 19.08 -24.20
C ALA A 16 12.49 18.80 -25.61
N LYS A 17 13.69 18.24 -25.69
CA LYS A 17 14.36 18.00 -26.97
C LYS A 17 14.89 16.57 -27.00
N ASN A 18 14.22 15.71 -27.77
CA ASN A 18 14.66 14.36 -28.11
C ASN A 18 14.85 13.50 -26.86
N LEU A 19 13.73 13.26 -26.19
CA LEU A 19 13.72 12.42 -25.01
C LEU A 19 13.84 10.96 -25.41
N ALA A 20 14.35 10.16 -24.48
CA ALA A 20 14.50 8.72 -24.71
C ALA A 20 14.44 7.99 -23.38
N LYS A 21 13.78 6.85 -23.36
CA LYS A 21 13.68 6.04 -22.16
C LYS A 21 13.41 4.60 -22.55
N ALA A 22 14.03 3.67 -21.83
CA ALA A 22 13.90 2.26 -22.13
C ALA A 22 14.06 1.46 -20.85
N TYR A 23 13.71 0.17 -20.91
CA TYR A 23 14.00 -0.77 -19.85
C TYR A 23 13.96 -2.18 -20.40
N LYS A 24 14.96 -2.98 -20.02
CA LYS A 24 15.14 -4.37 -20.45
C LYS A 24 15.16 -4.51 -21.97
N GLY A 25 15.81 -3.55 -22.63
CA GLY A 25 15.97 -3.61 -24.07
C GLY A 25 14.80 -3.07 -24.86
N ARG A 26 13.59 -3.30 -24.36
CA ARG A 26 12.38 -2.84 -25.03
C ARG A 26 12.30 -1.33 -24.88
N ARG A 27 12.71 -0.62 -25.92
CA ARG A 27 12.61 0.83 -25.92
C ARG A 27 11.16 1.26 -26.13
N VAL A 28 10.78 2.35 -25.47
CA VAL A 28 9.44 2.90 -25.59
C VAL A 28 9.40 4.35 -26.02
N VAL A 29 10.48 5.11 -25.81
CA VAL A 29 10.51 6.53 -26.14
C VAL A 29 11.76 6.80 -26.97
N GLU A 30 11.57 7.34 -28.17
CA GLU A 30 12.69 7.74 -29.02
C GLU A 30 12.40 9.10 -29.62
N ASP A 31 13.29 10.05 -29.34
CA ASP A 31 13.31 11.38 -29.97
C ASP A 31 12.03 12.17 -29.74
N VAL A 32 11.39 11.95 -28.60
CA VAL A 32 10.21 12.72 -28.25
C VAL A 32 10.63 14.12 -27.86
N SER A 33 10.08 15.11 -28.55
CA SER A 33 10.27 16.50 -28.21
C SER A 33 8.92 17.16 -28.05
N LEU A 34 8.86 18.21 -27.24
CA LEU A 34 7.62 18.94 -27.01
C LEU A 34 7.94 20.39 -26.68
N THR A 35 6.96 21.25 -26.89
CA THR A 35 7.16 22.68 -26.66
C THR A 35 5.86 23.28 -26.14
N VAL A 36 5.95 23.99 -25.02
CA VAL A 36 4.80 24.65 -24.42
C VAL A 36 5.25 26.02 -23.91
N ASN A 37 4.42 27.03 -24.15
CA ASN A 37 4.65 28.38 -23.66
C ASN A 37 3.76 28.65 -22.47
N SER A 38 3.93 29.82 -21.88
CA SER A 38 3.04 30.27 -20.81
C SER A 38 1.72 30.72 -21.39
N GLY A 39 0.62 30.14 -20.91
CA GLY A 39 -0.69 30.46 -21.43
C GLY A 39 -1.00 29.73 -22.72
N GLU A 40 -1.02 28.40 -22.66
CA GLU A 40 -1.15 27.58 -23.85
C GLU A 40 -1.71 26.22 -23.43
N ILE A 41 -2.64 25.68 -24.22
CA ILE A 41 -3.27 24.41 -23.91
C ILE A 41 -2.82 23.41 -24.96
N VAL A 42 -1.84 22.59 -24.62
CA VAL A 42 -1.33 21.57 -25.53
C VAL A 42 -1.78 20.20 -25.04
N GLY A 43 -2.05 19.31 -25.98
CA GLY A 43 -2.52 17.98 -25.65
C GLY A 43 -1.57 16.90 -26.10
N LEU A 44 -1.63 15.73 -25.47
CA LEU A 44 -0.66 14.67 -25.71
C LEU A 44 -1.39 13.34 -25.88
N LEU A 45 -2.35 13.29 -26.78
CA LEU A 45 -3.12 12.08 -27.00
C LEU A 45 -2.26 10.98 -27.63
N GLY A 46 -2.73 9.74 -27.50
CA GLY A 46 -2.04 8.60 -28.06
C GLY A 46 -2.66 7.28 -27.63
N PRO A 47 -2.36 6.19 -28.36
CA PRO A 47 -2.90 4.88 -27.99
C PRO A 47 -2.28 4.30 -26.73
N ASN A 48 -2.64 3.06 -26.41
CA ASN A 48 -2.18 2.45 -25.17
C ASN A 48 -0.70 2.12 -25.23
N GLY A 49 0.01 2.49 -24.17
CA GLY A 49 1.44 2.24 -24.14
C GLY A 49 2.21 3.12 -25.09
N ALA A 50 1.71 4.32 -25.39
CA ALA A 50 2.40 5.19 -26.33
C ALA A 50 3.61 5.83 -25.70
N GLY A 51 3.53 6.19 -24.42
CA GLY A 51 4.68 6.81 -23.79
C GLY A 51 4.37 8.11 -23.07
N LYS A 52 3.08 8.38 -22.86
CA LYS A 52 2.67 9.68 -22.32
C LYS A 52 3.14 9.86 -20.88
N THR A 53 2.84 8.88 -20.04
CA THR A 53 3.17 9.01 -18.63
C THR A 53 4.67 8.91 -18.42
N THR A 54 5.37 8.14 -19.25
CA THR A 54 6.82 8.13 -19.17
C THR A 54 7.42 9.44 -19.64
N THR A 55 6.81 10.07 -20.65
CA THR A 55 7.24 11.40 -21.05
C THR A 55 7.02 12.40 -19.92
N PHE A 56 5.89 12.25 -19.22
CA PHE A 56 5.62 13.09 -18.07
C PHE A 56 6.62 12.82 -16.95
N TYR A 57 7.02 11.57 -16.80
CA TYR A 57 8.02 11.20 -15.81
C TYR A 57 9.36 11.85 -16.12
N MET A 58 9.75 11.86 -17.39
CA MET A 58 11.01 12.50 -17.77
C MET A 58 10.93 14.00 -17.68
N VAL A 59 9.74 14.59 -17.87
CA VAL A 59 9.61 16.03 -17.71
C VAL A 59 9.72 16.41 -16.24
N VAL A 60 8.95 15.74 -15.37
CA VAL A 60 8.95 16.15 -13.98
C VAL A 60 10.12 15.59 -13.18
N GLY A 61 10.85 14.64 -13.74
CA GLY A 61 11.95 14.08 -12.99
C GLY A 61 11.51 13.01 -12.02
N ILE A 62 10.69 12.07 -12.50
CA ILE A 62 10.45 10.85 -11.75
C ILE A 62 11.45 9.76 -12.12
N VAL A 63 11.68 9.56 -13.42
CA VAL A 63 12.55 8.47 -13.86
C VAL A 63 13.90 9.03 -14.29
N PRO A 64 14.98 8.25 -14.26
CA PRO A 64 16.25 8.74 -14.81
C PRO A 64 16.23 8.72 -16.32
N ARG A 65 16.34 9.91 -16.92
CA ARG A 65 16.23 10.02 -18.36
C ARG A 65 17.49 9.49 -19.03
N ASP A 66 17.30 8.91 -20.23
CA ASP A 66 18.42 8.38 -20.97
C ASP A 66 19.00 9.41 -21.92
N ALA A 67 18.18 10.32 -22.42
CA ALA A 67 18.61 11.43 -23.26
C ALA A 67 17.52 12.48 -23.23
N GLY A 68 17.89 13.70 -23.60
CA GLY A 68 16.92 14.77 -23.66
C GLY A 68 17.42 16.06 -23.03
N ASN A 69 16.62 17.13 -23.13
CA ASN A 69 16.97 18.41 -22.50
C ASN A 69 15.69 19.07 -21.97
N ILE A 70 15.47 18.94 -20.68
CA ILE A 70 14.45 19.73 -19.98
C ILE A 70 15.04 21.07 -19.62
N ILE A 71 14.46 22.13 -20.17
CA ILE A 71 14.97 23.49 -20.00
C ILE A 71 13.78 24.43 -20.02
N ILE A 72 13.88 25.52 -19.25
CA ILE A 72 12.81 26.49 -19.16
C ILE A 72 13.13 27.68 -20.07
N ASP A 73 13.90 27.40 -21.12
CA ASP A 73 14.50 28.14 -22.23
C ASP A 73 15.79 28.86 -21.84
N ASP A 74 16.10 28.97 -20.57
CA ASP A 74 17.34 29.61 -20.13
C ASP A 74 18.05 28.87 -19.02
N ASP A 75 17.41 27.89 -18.36
CA ASP A 75 18.00 27.18 -17.24
C ASP A 75 17.80 25.69 -17.46
N ASP A 76 18.89 24.94 -17.61
CA ASP A 76 18.83 23.52 -17.90
C ASP A 76 18.68 22.75 -16.59
N ILE A 77 17.44 22.39 -16.26
CA ILE A 77 17.15 21.67 -15.02
C ILE A 77 17.00 20.17 -15.27
N SER A 78 17.52 19.67 -16.39
CA SER A 78 17.20 18.32 -16.84
C SER A 78 17.85 17.23 -15.99
N LEU A 79 18.78 17.58 -15.10
CA LEU A 79 19.35 16.62 -14.18
C LEU A 79 19.09 17.01 -12.73
N LEU A 80 18.05 17.81 -12.50
CA LEU A 80 17.66 18.29 -11.20
C LEU A 80 16.34 17.66 -10.80
N PRO A 81 16.21 17.18 -9.57
CA PRO A 81 15.08 16.33 -9.20
C PRO A 81 13.78 17.12 -9.00
N LEU A 82 12.74 16.38 -8.65
CA LEU A 82 11.37 16.82 -8.83
C LEU A 82 10.99 17.94 -7.88
N HIS A 83 11.46 17.87 -6.64
CA HIS A 83 11.01 18.83 -5.65
C HIS A 83 11.51 20.23 -5.95
N ALA A 84 12.76 20.34 -6.39
CA ALA A 84 13.24 21.62 -6.86
C ALA A 84 12.62 21.99 -8.21
N ARG A 85 12.18 21.01 -9.00
CA ARG A 85 11.43 21.36 -10.21
C ARG A 85 10.08 21.99 -9.87
N ALA A 86 9.39 21.46 -8.87
CA ALA A 86 8.11 22.04 -8.47
C ALA A 86 8.31 23.39 -7.81
N ARG A 87 9.44 23.59 -7.13
CA ARG A 87 9.76 24.91 -6.64
C ARG A 87 10.09 25.87 -7.78
N ARG A 88 10.59 25.36 -8.91
CA ARG A 88 10.70 26.21 -10.08
C ARG A 88 9.36 26.46 -10.75
N GLY A 89 8.37 25.59 -10.52
CA GLY A 89 7.01 25.96 -10.90
C GLY A 89 6.29 25.12 -11.92
N ILE A 90 6.54 23.82 -11.97
CA ILE A 90 5.74 22.93 -12.78
C ILE A 90 4.69 22.27 -11.88
N GLY A 91 3.62 21.81 -12.49
CA GLY A 91 2.54 21.15 -11.76
C GLY A 91 2.26 19.80 -12.35
N TYR A 92 1.97 18.83 -11.48
CA TYR A 92 1.81 17.44 -11.89
C TYR A 92 0.58 16.83 -11.25
N LEU A 93 -0.09 15.96 -11.99
CA LEU A 93 -1.18 15.16 -11.46
C LEU A 93 -0.94 13.70 -11.83
N PRO A 94 -1.01 12.77 -10.88
CA PRO A 94 -0.75 11.37 -11.18
C PRO A 94 -1.88 10.71 -11.94
N GLN A 95 -1.52 9.66 -12.69
CA GLN A 95 -2.52 8.95 -13.47
C GLN A 95 -3.42 8.12 -12.57
N GLU A 96 -2.83 7.26 -11.77
CA GLU A 96 -3.58 6.56 -10.74
C GLU A 96 -3.89 7.51 -9.59
N ALA A 97 -4.90 7.17 -8.81
CA ALA A 97 -5.43 8.07 -7.79
C ALA A 97 -4.47 8.14 -6.59
N SER A 98 -4.23 9.35 -6.11
CA SER A 98 -3.21 9.58 -5.08
C SER A 98 -3.68 10.59 -4.05
N ILE A 99 -4.95 10.51 -3.65
CA ILE A 99 -5.38 11.38 -2.56
C ILE A 99 -4.79 10.89 -1.25
N PHE A 100 -4.77 11.77 -0.26
CA PHE A 100 -4.52 11.34 1.10
C PHE A 100 -5.64 10.42 1.57
N ARG A 101 -5.30 9.44 2.39
CA ARG A 101 -6.24 8.36 2.65
C ARG A 101 -6.68 8.29 4.10
N ARG A 102 -6.49 9.36 4.86
CA ARG A 102 -7.20 9.52 6.12
C ARG A 102 -7.78 10.90 6.31
N LEU A 103 -7.39 11.89 5.52
CA LEU A 103 -7.83 13.24 5.76
C LEU A 103 -9.27 13.44 5.29
N SER A 104 -9.75 14.65 5.44
CA SER A 104 -10.94 15.09 4.77
C SER A 104 -10.56 16.01 3.64
N VAL A 105 -11.57 16.45 2.90
CA VAL A 105 -11.35 17.20 1.67
C VAL A 105 -10.79 18.59 1.98
N TYR A 106 -11.46 19.30 2.88
CA TYR A 106 -10.98 20.61 3.31
C TYR A 106 -9.64 20.51 4.02
N ASP A 107 -9.42 19.39 4.72
CA ASP A 107 -8.13 19.14 5.35
C ASP A 107 -7.03 19.04 4.30
N ASN A 108 -7.30 18.31 3.22
CA ASN A 108 -6.34 18.17 2.12
C ASN A 108 -6.05 19.50 1.47
N LEU A 109 -7.10 20.25 1.14
CA LEU A 109 -6.93 21.51 0.42
C LEU A 109 -6.19 22.53 1.26
N MET A 110 -6.58 22.70 2.53
CA MET A 110 -5.92 23.68 3.37
C MET A 110 -4.50 23.25 3.72
N ALA A 111 -4.25 21.93 3.80
CA ALA A 111 -2.91 21.45 4.07
C ALA A 111 -1.99 21.69 2.88
N VAL A 112 -2.50 21.58 1.67
CA VAL A 112 -1.68 21.97 0.51
C VAL A 112 -1.48 23.48 0.50
N LEU A 113 -2.52 24.24 0.88
CA LEU A 113 -2.41 25.69 0.84
C LEU A 113 -1.55 26.27 1.96
N GLN A 114 -1.15 25.46 2.94
CA GLN A 114 -0.18 25.92 3.92
C GLN A 114 1.19 26.18 3.29
N ILE A 115 1.52 25.47 2.21
CA ILE A 115 2.82 25.64 1.57
C ILE A 115 2.89 26.93 0.77
N ARG A 116 1.74 27.48 0.38
CA ARG A 116 1.67 28.73 -0.35
C ARG A 116 2.19 29.89 0.50
N ASP A 117 3.35 30.41 0.14
CA ASP A 117 4.08 31.38 0.95
C ASP A 117 3.81 32.81 0.48
N ASP A 118 2.58 33.08 0.08
CA ASP A 118 2.24 34.39 -0.44
C ASP A 118 1.05 35.05 0.26
N LEU A 119 0.35 34.35 1.15
CA LEU A 119 -0.87 34.88 1.70
C LEU A 119 -1.17 34.21 3.03
N SER A 120 -1.91 34.93 3.87
CA SER A 120 -2.16 34.49 5.24
C SER A 120 -3.26 33.43 5.27
N ALA A 121 -3.49 32.89 6.47
CA ALA A 121 -4.34 31.71 6.62
C ALA A 121 -5.81 32.01 6.41
N GLU A 122 -6.23 33.25 6.64
CA GLU A 122 -7.61 33.63 6.35
C GLU A 122 -7.86 33.67 4.85
N GLN A 123 -6.87 34.09 4.07
CA GLN A 123 -6.99 33.96 2.63
C GLN A 123 -6.79 32.52 2.19
N ARG A 124 -6.11 31.70 3.01
CA ARG A 124 -6.00 30.27 2.71
C ARG A 124 -7.36 29.58 2.81
N GLU A 125 -8.06 29.77 3.92
CA GLU A 125 -9.38 29.18 4.04
C GLU A 125 -10.38 29.84 3.11
N ASP A 126 -10.14 31.11 2.74
CA ASP A 126 -10.96 31.76 1.72
C ASP A 126 -10.80 31.07 0.36
N ARG A 127 -9.55 30.83 -0.05
CA ARG A 127 -9.29 30.15 -1.31
C ARG A 127 -9.79 28.71 -1.30
N ALA A 128 -9.71 28.06 -0.13
CA ALA A 128 -10.23 26.70 -0.01
C ALA A 128 -11.74 26.66 -0.15
N ASN A 129 -12.44 27.63 0.45
CA ASN A 129 -13.88 27.74 0.28
C ASN A 129 -14.23 28.04 -1.16
N GLU A 130 -13.42 28.88 -1.83
CA GLU A 130 -13.65 29.17 -3.24
C GLU A 130 -13.50 27.92 -4.10
N LEU A 131 -12.51 27.09 -3.80
CA LEU A 131 -12.28 25.90 -4.61
C LEU A 131 -13.35 24.85 -4.35
N MET A 132 -13.77 24.68 -3.10
CA MET A 132 -14.83 23.71 -2.83
C MET A 132 -16.17 24.16 -3.39
N GLU A 133 -16.42 25.47 -3.41
CA GLU A 133 -17.61 25.99 -4.06
C GLU A 133 -17.51 25.82 -5.57
N GLU A 134 -16.31 25.95 -6.11
CA GLU A 134 -16.15 26.01 -7.55
C GLU A 134 -16.07 24.63 -8.18
N PHE A 135 -15.77 23.60 -7.38
CA PHE A 135 -15.89 22.22 -7.82
C PHE A 135 -17.17 21.55 -7.34
N HIS A 136 -17.92 22.20 -6.44
CA HIS A 136 -19.17 21.70 -5.86
C HIS A 136 -18.96 20.36 -5.15
N ILE A 137 -18.17 20.43 -4.09
CA ILE A 137 -17.87 19.28 -3.25
C ILE A 137 -18.15 19.63 -1.79
N GLU A 138 -18.92 20.69 -1.58
CA GLU A 138 -19.24 21.12 -0.22
C GLU A 138 -20.15 20.13 0.50
N HIS A 139 -20.91 19.33 -0.24
CA HIS A 139 -21.74 18.30 0.35
C HIS A 139 -21.01 16.98 0.52
N LEU A 140 -19.70 16.98 0.27
CA LEU A 140 -18.82 15.90 0.70
C LEU A 140 -17.56 16.45 1.35
N ARG A 141 -17.57 17.72 1.77
CA ARG A 141 -16.34 18.39 2.16
C ARG A 141 -15.74 17.86 3.46
N ASP A 142 -16.47 17.06 4.22
CA ASP A 142 -15.98 16.58 5.49
C ASP A 142 -15.98 15.06 5.56
N SER A 143 -16.25 14.40 4.45
CA SER A 143 -16.06 12.97 4.38
C SER A 143 -14.57 12.66 4.43
N MET A 144 -14.26 11.48 4.96
CA MET A 144 -12.86 11.07 4.99
C MET A 144 -12.41 10.69 3.59
N GLY A 145 -11.08 10.71 3.40
CA GLY A 145 -10.55 10.73 2.05
C GLY A 145 -10.69 9.41 1.32
N GLN A 146 -10.20 8.33 1.91
CA GLN A 146 -10.02 7.07 1.19
C GLN A 146 -11.32 6.38 0.80
N SER A 147 -12.46 6.83 1.30
CA SER A 147 -13.71 6.14 1.04
C SER A 147 -14.61 6.90 0.09
N LEU A 148 -14.09 7.87 -0.64
CA LEU A 148 -14.91 8.58 -1.60
C LEU A 148 -15.16 7.72 -2.82
N SER A 149 -15.98 8.23 -3.73
CA SER A 149 -16.12 7.58 -5.01
C SER A 149 -15.13 8.16 -5.99
N GLY A 150 -15.05 7.54 -7.17
CA GLY A 150 -14.02 7.87 -8.13
C GLY A 150 -14.17 9.27 -8.70
N GLY A 151 -15.42 9.71 -8.90
CA GLY A 151 -15.64 11.04 -9.43
C GLY A 151 -15.17 12.14 -8.51
N GLU A 152 -15.57 12.06 -7.24
CA GLU A 152 -15.09 13.05 -6.28
C GLU A 152 -13.61 12.91 -6.01
N ARG A 153 -13.08 11.69 -6.12
CA ARG A 153 -11.66 11.50 -5.88
C ARG A 153 -10.83 12.17 -6.96
N ARG A 154 -11.19 11.98 -8.23
CA ARG A 154 -10.48 12.68 -9.30
C ARG A 154 -10.74 14.18 -9.26
N ARG A 155 -11.91 14.59 -8.78
CA ARG A 155 -12.20 16.00 -8.71
C ARG A 155 -11.35 16.69 -7.65
N VAL A 156 -11.18 16.05 -6.50
CA VAL A 156 -10.32 16.65 -5.48
C VAL A 156 -8.85 16.48 -5.83
N GLU A 157 -8.50 15.50 -6.67
CA GLU A 157 -7.15 15.46 -7.26
C GLU A 157 -6.88 16.74 -8.06
N ILE A 158 -7.81 17.08 -8.95
CA ILE A 158 -7.63 18.28 -9.76
C ILE A 158 -7.65 19.53 -8.88
N ALA A 159 -8.41 19.49 -7.80
CA ALA A 159 -8.45 20.61 -6.86
C ALA A 159 -7.10 20.82 -6.17
N ARG A 160 -6.54 19.77 -5.57
CA ARG A 160 -5.26 19.89 -4.89
C ARG A 160 -4.13 20.12 -5.86
N ALA A 161 -4.30 19.76 -7.13
CA ALA A 161 -3.31 20.13 -8.13
C ALA A 161 -3.37 21.62 -8.42
N LEU A 162 -4.56 22.14 -8.71
CA LEU A 162 -4.70 23.54 -9.07
C LEU A 162 -4.47 24.47 -7.90
N ALA A 163 -4.51 23.97 -6.67
CA ALA A 163 -4.37 24.85 -5.52
C ALA A 163 -2.96 25.39 -5.35
N ALA A 164 -1.95 24.73 -5.92
CA ALA A 164 -0.58 25.18 -5.69
C ALA A 164 -0.21 26.40 -6.52
N ASN A 165 -0.97 26.69 -7.58
CA ASN A 165 -0.75 27.76 -8.55
C ASN A 165 0.65 27.74 -9.16
N PRO A 166 0.96 26.78 -10.04
CA PRO A 166 2.29 26.80 -10.68
C PRO A 166 2.25 27.62 -11.94
N LYS A 167 3.37 27.67 -12.68
CA LYS A 167 3.34 28.30 -13.99
C LYS A 167 2.87 27.31 -15.05
N PHE A 168 3.36 26.09 -14.97
CA PHE A 168 3.02 25.02 -15.89
C PHE A 168 2.39 23.87 -15.11
N ILE A 169 1.47 23.17 -15.75
CA ILE A 169 0.73 22.11 -15.07
C ILE A 169 0.54 20.94 -16.01
N LEU A 170 0.78 19.74 -15.49
CA LEU A 170 0.72 18.51 -16.27
C LEU A 170 -0.36 17.61 -15.69
N LEU A 171 -1.26 17.14 -16.55
CA LEU A 171 -2.35 16.27 -16.16
C LEU A 171 -2.23 14.95 -16.91
N ASP A 172 -2.67 13.87 -16.26
CA ASP A 172 -2.82 12.58 -16.94
C ASP A 172 -4.21 12.04 -16.62
N GLU A 173 -5.03 11.90 -17.66
CA GLU A 173 -6.43 11.49 -17.64
C GLU A 173 -7.23 12.26 -16.61
N PRO A 174 -7.47 13.56 -16.80
CA PRO A 174 -8.23 14.31 -15.80
C PRO A 174 -9.71 14.01 -15.84
N PHE A 175 -10.16 13.24 -16.82
CA PHE A 175 -11.58 13.01 -17.03
C PHE A 175 -11.96 11.58 -16.69
N ALA A 176 -11.13 10.92 -15.88
CA ALA A 176 -11.33 9.50 -15.57
C ALA A 176 -12.46 9.36 -14.56
N GLY A 177 -13.54 8.70 -14.97
CA GLY A 177 -14.64 8.42 -14.08
C GLY A 177 -15.41 9.63 -13.62
N VAL A 178 -15.57 10.62 -14.48
CA VAL A 178 -16.22 11.88 -14.14
C VAL A 178 -17.48 12.00 -14.98
N ASP A 179 -18.57 12.43 -14.37
CA ASP A 179 -19.79 12.70 -15.10
C ASP A 179 -19.64 13.96 -15.96
N PRO A 180 -20.35 14.02 -17.10
CA PRO A 180 -20.05 15.05 -18.11
C PRO A 180 -20.32 16.48 -17.66
N ILE A 181 -21.21 16.71 -16.71
CA ILE A 181 -21.45 18.06 -16.22
C ILE A 181 -20.24 18.58 -15.47
N SER A 182 -19.64 17.74 -14.63
CA SER A 182 -18.41 18.12 -13.97
C SER A 182 -17.25 18.16 -14.96
N VAL A 183 -17.33 17.39 -16.05
CA VAL A 183 -16.30 17.47 -17.10
C VAL A 183 -16.30 18.85 -17.73
N ILE A 184 -17.48 19.35 -18.12
CA ILE A 184 -17.60 20.67 -18.71
C ILE A 184 -17.26 21.75 -17.68
N ASP A 185 -17.54 21.47 -16.40
CA ASP A 185 -17.15 22.37 -15.33
C ASP A 185 -15.63 22.53 -15.26
N ILE A 186 -14.91 21.40 -15.23
CA ILE A 186 -13.45 21.43 -15.17
C ILE A 186 -12.87 22.05 -16.45
N LYS A 187 -13.54 21.84 -17.58
CA LYS A 187 -13.17 22.51 -18.83
C LYS A 187 -13.22 24.02 -18.68
N ARG A 188 -14.29 24.52 -18.07
CA ARG A 188 -14.41 25.95 -17.85
C ARG A 188 -13.36 26.46 -16.87
N ILE A 189 -13.00 25.65 -15.88
CA ILE A 189 -12.00 26.07 -14.90
C ILE A 189 -10.63 26.19 -15.53
N ILE A 190 -10.26 25.21 -16.34
CA ILE A 190 -8.94 25.24 -16.96
C ILE A 190 -8.86 26.32 -18.03
N GLU A 191 -9.95 26.56 -18.76
CA GLU A 191 -9.87 27.63 -19.75
C GLU A 191 -9.92 29.00 -19.10
N HIS A 192 -10.54 29.13 -17.92
CA HIS A 192 -10.45 30.39 -17.19
C HIS A 192 -9.05 30.59 -16.63
N LEU A 193 -8.35 29.52 -16.26
CA LEU A 193 -6.96 29.70 -15.88
C LEU A 193 -6.06 29.93 -17.09
N ARG A 194 -6.50 29.50 -18.28
CA ARG A 194 -5.81 29.89 -19.49
C ARG A 194 -5.99 31.38 -19.73
N ASP A 195 -7.18 31.91 -19.38
CA ASP A 195 -7.38 33.35 -19.37
C ASP A 195 -6.51 34.02 -18.32
N SER A 196 -6.19 33.31 -17.24
CA SER A 196 -5.18 33.80 -16.32
C SER A 196 -3.78 33.69 -16.91
N GLY A 197 -3.59 32.82 -17.91
CA GLY A 197 -2.33 32.73 -18.61
C GLY A 197 -1.38 31.71 -18.02
N LEU A 198 -1.83 30.46 -17.87
CA LEU A 198 -1.02 29.41 -17.27
C LEU A 198 -1.04 28.19 -18.17
N GLY A 199 0.13 27.76 -18.61
CA GLY A 199 0.22 26.69 -19.60
C GLY A 199 -0.07 25.33 -19.00
N VAL A 200 -0.82 24.53 -19.74
CA VAL A 200 -1.32 23.24 -19.28
C VAL A 200 -0.99 22.19 -20.34
N LEU A 201 -0.69 20.98 -19.88
CA LEU A 201 -0.47 19.85 -20.76
C LEU A 201 -1.36 18.70 -20.32
N ILE A 202 -2.11 18.14 -21.26
CA ILE A 202 -3.21 17.23 -20.99
C ILE A 202 -3.01 15.95 -21.78
N THR A 203 -3.21 14.81 -21.11
CA THR A 203 -3.36 13.52 -21.76
C THR A 203 -4.73 12.96 -21.38
N ASP A 204 -5.45 12.43 -22.36
CA ASP A 204 -6.81 11.98 -22.10
C ASP A 204 -7.14 10.86 -23.09
N HIS A 205 -8.29 10.23 -22.89
CA HIS A 205 -8.85 9.33 -23.88
C HIS A 205 -10.22 9.75 -24.40
N ASN A 206 -10.98 10.55 -23.66
CA ASN A 206 -12.24 11.06 -24.18
C ASN A 206 -11.90 12.16 -25.16
N VAL A 207 -11.71 11.78 -26.41
CA VAL A 207 -11.24 12.71 -27.44
C VAL A 207 -12.33 13.71 -27.81
N ARG A 208 -13.60 13.29 -27.80
CA ARG A 208 -14.69 14.16 -28.23
C ARG A 208 -15.02 15.23 -27.21
N GLU A 209 -14.45 15.16 -26.01
CA GLU A 209 -14.46 16.28 -25.08
C GLU A 209 -13.08 16.88 -24.89
N THR A 210 -12.03 16.18 -25.30
CA THR A 210 -10.68 16.71 -25.12
C THR A 210 -10.35 17.71 -26.22
N LEU A 211 -10.81 17.46 -27.45
CA LEU A 211 -10.47 18.34 -28.56
C LEU A 211 -11.20 19.68 -28.50
N ALA A 212 -12.29 19.77 -27.74
CA ALA A 212 -13.04 21.02 -27.68
C ALA A 212 -12.31 22.09 -26.88
N VAL A 213 -11.38 21.70 -26.01
CA VAL A 213 -10.68 22.66 -25.17
C VAL A 213 -9.24 22.89 -25.64
N CYS A 214 -8.59 21.91 -26.25
CA CYS A 214 -7.17 22.03 -26.54
C CYS A 214 -6.92 22.91 -27.75
N GLU A 215 -5.81 23.64 -27.68
CA GLU A 215 -5.42 24.51 -28.78
C GLU A 215 -4.72 23.73 -29.88
N ARG A 216 -3.62 23.06 -29.55
CA ARG A 216 -2.91 22.19 -30.46
C ARG A 216 -2.56 20.91 -29.71
N ALA A 217 -2.24 19.85 -30.44
CA ALA A 217 -2.16 18.53 -29.83
C ALA A 217 -1.06 17.70 -30.46
N TYR A 218 0.00 17.45 -29.70
CA TYR A 218 0.97 16.42 -30.05
C TYR A 218 0.31 15.05 -30.00
N ILE A 219 0.67 14.17 -30.92
CA ILE A 219 0.14 12.82 -30.97
C ILE A 219 1.31 11.84 -30.96
N VAL A 220 1.31 10.90 -30.02
CA VAL A 220 2.43 9.99 -29.81
C VAL A 220 1.99 8.57 -30.11
N SER A 221 2.82 7.83 -30.86
CA SER A 221 2.60 6.39 -31.09
C SER A 221 3.92 5.65 -30.97
N GLN A 222 4.13 5.03 -29.80
CA GLN A 222 5.29 4.19 -29.49
C GLN A 222 6.62 4.93 -29.68
N GLY A 223 6.70 6.11 -29.05
CA GLY A 223 7.86 6.96 -29.17
C GLY A 223 7.83 7.88 -30.37
N HIS A 224 7.15 7.49 -31.44
CA HIS A 224 7.15 8.26 -32.67
C HIS A 224 6.11 9.36 -32.56
N LEU A 225 6.55 10.61 -32.46
CA LEU A 225 5.63 11.74 -32.48
C LEU A 225 5.12 11.90 -33.91
N ILE A 226 4.10 11.11 -34.26
CA ILE A 226 3.73 10.98 -35.66
C ILE A 226 2.89 12.13 -36.18
N ALA A 227 2.34 12.96 -35.30
CA ALA A 227 1.51 14.06 -35.79
C ALA A 227 1.49 15.18 -34.77
N HIS A 228 1.17 16.37 -35.27
CA HIS A 228 0.91 17.57 -34.49
C HIS A 228 0.19 18.59 -35.35
N GLY A 229 -0.80 19.25 -34.77
CA GLY A 229 -1.40 20.39 -35.45
C GLY A 229 -2.76 20.72 -34.85
N THR A 230 -3.56 21.41 -35.66
CA THR A 230 -4.88 21.83 -35.26
C THR A 230 -5.81 20.63 -35.15
N PRO A 231 -6.94 20.77 -34.43
CA PRO A 231 -7.92 19.67 -34.35
C PRO A 231 -8.46 19.22 -35.69
N THR A 232 -8.68 20.15 -36.64
CA THR A 232 -9.20 19.76 -37.94
C THR A 232 -8.18 18.97 -38.75
N GLU A 233 -6.89 19.29 -38.59
CA GLU A 233 -5.89 18.53 -39.33
C GLU A 233 -5.64 17.17 -38.70
N ILE A 234 -5.63 17.09 -37.37
CA ILE A 234 -5.41 15.79 -36.76
C ILE A 234 -6.64 14.90 -36.85
N LEU A 235 -7.83 15.47 -37.08
CA LEU A 235 -8.97 14.65 -37.45
C LEU A 235 -8.95 14.30 -38.93
N GLN A 236 -8.32 15.14 -39.75
CA GLN A 236 -8.21 14.87 -41.17
C GLN A 236 -7.21 13.75 -41.47
N ASP A 237 -6.27 13.52 -40.55
CA ASP A 237 -5.19 12.56 -40.77
C ASP A 237 -5.75 11.12 -40.81
N GLU A 238 -5.73 10.53 -42.00
CA GLU A 238 -6.14 9.14 -42.18
C GLU A 238 -5.16 8.16 -41.56
N HIS A 239 -3.94 8.60 -41.27
CA HIS A 239 -2.99 7.74 -40.56
C HIS A 239 -3.44 7.52 -39.13
N VAL A 240 -3.64 8.59 -38.37
CA VAL A 240 -4.01 8.44 -36.97
C VAL A 240 -5.46 8.03 -36.82
N LYS A 241 -6.29 8.21 -37.84
CA LYS A 241 -7.63 7.63 -37.79
C LYS A 241 -7.54 6.11 -37.87
N ARG A 242 -6.54 5.60 -38.57
CA ARG A 242 -6.26 4.16 -38.55
C ARG A 242 -5.56 3.75 -37.26
N VAL A 243 -4.67 4.60 -36.75
CA VAL A 243 -3.81 4.19 -35.64
C VAL A 243 -4.53 4.32 -34.30
N TYR A 244 -5.24 5.41 -34.09
CA TYR A 244 -5.72 5.76 -32.77
C TYR A 244 -7.20 6.04 -32.68
N LEU A 245 -7.81 6.65 -33.69
CA LEU A 245 -9.23 6.98 -33.60
C LEU A 245 -10.09 5.77 -33.91
N GLY A 246 -10.01 5.27 -35.14
CA GLY A 246 -10.90 4.21 -35.58
C GLY A 246 -12.19 4.76 -36.17
N ALA B 12 -32.33 -17.63 -17.43
CA ALA B 12 -32.05 -17.23 -16.06
C ALA B 12 -32.34 -15.74 -15.86
N THR B 13 -32.50 -15.33 -14.59
CA THR B 13 -32.91 -13.96 -14.28
C THR B 13 -32.43 -13.58 -12.89
N LEU B 14 -31.70 -12.49 -12.77
CA LEU B 14 -31.34 -11.91 -11.48
C LEU B 14 -32.19 -10.66 -11.23
N THR B 15 -32.71 -10.53 -10.01
CA THR B 15 -33.62 -9.45 -9.67
C THR B 15 -33.36 -9.00 -8.25
N ALA B 16 -33.22 -7.70 -8.06
CA ALA B 16 -33.19 -7.09 -6.74
C ALA B 16 -34.46 -6.28 -6.52
N LYS B 17 -34.92 -6.25 -5.27
CA LYS B 17 -36.18 -5.59 -4.92
C LYS B 17 -35.96 -4.70 -3.70
N ASN B 18 -35.94 -3.39 -3.93
CA ASN B 18 -35.95 -2.35 -2.90
C ASN B 18 -34.73 -2.47 -1.97
N LEU B 19 -33.57 -2.26 -2.56
CA LEU B 19 -32.33 -2.28 -1.82
C LEU B 19 -32.17 -1.01 -1.00
N ALA B 20 -31.41 -1.10 0.08
CA ALA B 20 -31.16 0.04 0.94
C ALA B 20 -29.81 -0.14 1.62
N LYS B 21 -29.06 0.95 1.74
CA LYS B 21 -27.77 0.92 2.41
C LYS B 21 -27.44 2.32 2.90
N ALA B 22 -26.83 2.38 4.09
CA ALA B 22 -26.51 3.65 4.71
C ALA B 22 -25.29 3.48 5.60
N TYR B 23 -24.71 4.60 6.01
CA TYR B 23 -23.67 4.61 7.03
C TYR B 23 -23.59 6.00 7.65
N LYS B 24 -23.49 6.02 8.98
CA LYS B 24 -23.43 7.24 9.81
C LYS B 24 -24.60 8.17 9.53
N GLY B 25 -25.78 7.59 9.35
CA GLY B 25 -26.98 8.38 9.17
C GLY B 25 -27.22 8.83 7.75
N ARG B 26 -26.15 9.17 7.04
CA ARG B 26 -26.26 9.63 5.65
C ARG B 26 -26.64 8.45 4.78
N ARG B 27 -27.93 8.35 4.47
CA ARG B 27 -28.38 7.30 3.57
C ARG B 27 -28.00 7.61 2.14
N VAL B 28 -27.66 6.57 1.38
CA VAL B 28 -27.29 6.72 -0.02
C VAL B 28 -28.14 5.87 -0.96
N VAL B 29 -28.77 4.80 -0.49
CA VAL B 29 -29.55 3.91 -1.34
C VAL B 29 -30.92 3.73 -0.69
N GLU B 30 -31.98 4.04 -1.43
CA GLU B 30 -33.34 3.83 -0.98
C GLU B 30 -34.16 3.25 -2.11
N ASP B 31 -34.72 2.06 -1.88
CA ASP B 31 -35.70 1.41 -2.75
C ASP B 31 -35.17 1.16 -4.15
N VAL B 32 -33.87 0.91 -4.26
CA VAL B 32 -33.27 0.56 -5.55
C VAL B 32 -33.68 -0.86 -5.91
N SER B 33 -34.31 -1.01 -7.07
CA SER B 33 -34.62 -2.32 -7.61
C SER B 33 -34.06 -2.40 -9.01
N LEU B 34 -33.77 -3.63 -9.46
CA LEU B 34 -33.23 -3.84 -10.79
C LEU B 34 -33.64 -5.23 -11.26
N THR B 35 -33.63 -5.40 -12.58
CA THR B 35 -34.05 -6.66 -13.16
C THR B 35 -33.23 -6.94 -14.41
N VAL B 36 -32.62 -8.13 -14.46
CA VAL B 36 -31.82 -8.55 -15.60
C VAL B 36 -32.11 -10.01 -15.89
N ASN B 37 -32.26 -10.34 -17.17
CA ASN B 37 -32.46 -11.70 -17.62
C ASN B 37 -31.16 -12.25 -18.20
N SER B 38 -31.20 -13.52 -18.59
CA SER B 38 -30.07 -14.12 -19.28
C SER B 38 -30.05 -13.65 -20.72
N GLY B 39 -28.92 -13.10 -21.15
CA GLY B 39 -28.80 -12.58 -22.50
C GLY B 39 -29.42 -11.20 -22.65
N GLU B 40 -28.88 -10.24 -21.90
CA GLU B 40 -29.47 -8.91 -21.83
C GLU B 40 -28.38 -7.93 -21.41
N ILE B 41 -28.36 -6.75 -22.03
CA ILE B 41 -27.35 -5.74 -21.74
C ILE B 41 -28.06 -4.58 -21.08
N VAL B 42 -27.97 -4.49 -19.77
CA VAL B 42 -28.59 -3.41 -19.00
C VAL B 42 -27.49 -2.50 -18.48
N GLY B 43 -27.79 -1.21 -18.42
CA GLY B 43 -26.82 -0.24 -17.96
C GLY B 43 -27.27 0.48 -16.72
N LEU B 44 -26.31 1.03 -15.96
CA LEU B 44 -26.60 1.61 -14.66
C LEU B 44 -25.90 2.96 -14.52
N LEU B 45 -26.15 3.85 -15.48
CA LEU B 45 -25.50 5.15 -15.46
C LEU B 45 -26.03 6.01 -14.30
N GLY B 46 -25.26 7.04 -13.96
CA GLY B 46 -25.63 7.96 -12.91
C GLY B 46 -24.53 8.93 -12.55
N PRO B 47 -24.87 10.04 -11.89
CA PRO B 47 -23.85 11.01 -11.49
C PRO B 47 -22.94 10.52 -10.37
N ASN B 48 -22.07 11.40 -9.89
CA ASN B 48 -21.09 11.00 -8.89
C ASN B 48 -21.75 10.75 -7.54
N GLY B 49 -21.39 9.62 -6.92
CA GLY B 49 -21.98 9.27 -5.64
C GLY B 49 -23.43 8.87 -5.75
N ALA B 50 -23.84 8.33 -6.89
CA ALA B 50 -25.24 7.95 -7.06
C ALA B 50 -25.56 6.67 -6.31
N GLY B 51 -24.64 5.73 -6.27
CA GLY B 51 -24.92 4.50 -5.56
C GLY B 51 -24.66 3.24 -6.35
N LYS B 52 -23.95 3.37 -7.48
CA LYS B 52 -23.78 2.26 -8.39
C LYS B 52 -22.93 1.16 -7.79
N THR B 53 -21.76 1.52 -7.27
CA THR B 53 -20.84 0.52 -6.74
C THR B 53 -21.38 -0.06 -5.45
N THR B 54 -22.12 0.72 -4.66
CA THR B 54 -22.77 0.17 -3.48
C THR B 54 -23.91 -0.77 -3.86
N THR B 55 -24.62 -0.46 -4.94
CA THR B 55 -25.62 -1.38 -5.45
C THR B 55 -24.97 -2.67 -5.90
N PHE B 56 -23.81 -2.55 -6.53
CA PHE B 56 -23.06 -3.73 -6.95
C PHE B 56 -22.57 -4.51 -5.75
N TYR B 57 -22.20 -3.80 -4.68
CA TYR B 57 -21.77 -4.44 -3.44
C TYR B 57 -22.91 -5.24 -2.83
N MET B 58 -24.12 -4.68 -2.83
CA MET B 58 -25.26 -5.39 -2.28
C MET B 58 -25.68 -6.55 -3.16
N VAL B 59 -25.46 -6.44 -4.48
CA VAL B 59 -25.77 -7.57 -5.34
C VAL B 59 -24.80 -8.71 -5.11
N VAL B 60 -23.49 -8.42 -5.15
CA VAL B 60 -22.53 -9.51 -5.04
C VAL B 60 -22.27 -9.94 -3.62
N GLY B 61 -22.73 -9.19 -2.63
CA GLY B 61 -22.48 -9.58 -1.26
C GLY B 61 -21.12 -9.16 -0.78
N ILE B 62 -20.76 -7.90 -1.02
CA ILE B 62 -19.61 -7.32 -0.35
C ILE B 62 -20.02 -6.65 0.95
N VAL B 63 -21.09 -5.86 0.94
CA VAL B 63 -21.49 -5.12 2.14
C VAL B 63 -22.69 -5.79 2.79
N PRO B 64 -22.91 -5.60 4.09
CA PRO B 64 -24.15 -6.12 4.70
C PRO B 64 -25.33 -5.26 4.32
N ARG B 65 -26.28 -5.86 3.61
CA ARG B 65 -27.42 -5.09 3.10
C ARG B 65 -28.38 -4.77 4.23
N ASP B 66 -29.02 -3.62 4.13
CA ASP B 66 -29.99 -3.20 5.14
C ASP B 66 -31.40 -3.65 4.80
N ALA B 67 -31.71 -3.75 3.51
CA ALA B 67 -32.98 -4.28 3.03
C ALA B 67 -32.81 -4.68 1.58
N GLY B 68 -33.71 -5.53 1.11
CA GLY B 68 -33.66 -5.96 -0.28
C GLY B 68 -33.85 -7.44 -0.46
N ASN B 69 -33.93 -7.90 -1.71
CA ASN B 69 -34.05 -9.33 -2.01
C ASN B 69 -33.24 -9.65 -3.25
N ILE B 70 -32.05 -10.20 -3.05
CA ILE B 70 -31.28 -10.81 -4.14
C ILE B 70 -31.76 -12.23 -4.33
N ILE B 71 -32.28 -12.50 -5.52
CA ILE B 71 -32.88 -13.80 -5.84
C ILE B 71 -32.64 -14.07 -7.31
N ILE B 72 -32.48 -15.34 -7.66
CA ILE B 72 -32.22 -15.74 -9.02
C ILE B 72 -33.52 -16.24 -9.66
N ASP B 73 -34.64 -15.72 -9.14
CA ASP B 73 -36.08 -15.87 -9.34
C ASP B 73 -36.67 -17.09 -8.63
N ASP B 74 -35.84 -18.00 -8.15
CA ASP B 74 -36.32 -19.16 -7.42
C ASP B 74 -35.53 -19.48 -6.17
N ASP B 75 -34.35 -18.90 -5.97
CA ASP B 75 -33.50 -19.20 -4.83
C ASP B 75 -33.03 -17.88 -4.22
N ASP B 76 -33.43 -17.64 -2.97
CA ASP B 76 -33.13 -16.38 -2.28
C ASP B 76 -31.73 -16.49 -1.67
N ILE B 77 -30.74 -15.95 -2.36
CA ILE B 77 -29.36 -16.00 -1.90
C ILE B 77 -28.95 -14.68 -1.24
N SER B 78 -29.91 -13.88 -0.80
CA SER B 78 -29.63 -12.50 -0.40
C SER B 78 -28.90 -12.39 0.92
N LEU B 79 -28.76 -13.48 1.67
CA LEU B 79 -27.96 -13.48 2.90
C LEU B 79 -26.83 -14.49 2.81
N LEU B 80 -26.42 -14.84 1.60
CA LEU B 80 -25.37 -15.78 1.33
C LEU B 80 -24.17 -15.06 0.73
N PRO B 81 -22.96 -15.33 1.19
CA PRO B 81 -21.81 -14.50 0.85
C PRO B 81 -21.30 -14.74 -0.57
N LEU B 82 -20.23 -14.00 -0.89
CA LEU B 82 -19.87 -13.74 -2.27
C LEU B 82 -19.32 -14.96 -2.97
N HIS B 83 -18.55 -15.78 -2.26
CA HIS B 83 -17.87 -16.88 -2.92
C HIS B 83 -18.86 -17.95 -3.37
N ALA B 84 -19.86 -18.23 -2.55
CA ALA B 84 -20.93 -19.11 -3.00
C ALA B 84 -21.82 -18.41 -4.03
N ARG B 85 -21.88 -17.07 -4.02
CA ARG B 85 -22.60 -16.39 -5.10
C ARG B 85 -21.89 -16.56 -6.44
N ALA B 86 -20.57 -16.47 -6.45
CA ALA B 86 -19.83 -16.67 -7.69
C ALA B 86 -19.88 -18.12 -8.12
N ARG B 87 -19.96 -19.05 -7.18
CA ARG B 87 -20.21 -20.43 -7.56
C ARG B 87 -21.61 -20.64 -8.10
N ARG B 88 -22.57 -19.80 -7.69
CA ARG B 88 -23.87 -19.83 -8.36
C ARG B 88 -23.83 -19.15 -9.72
N GLY B 89 -22.85 -18.28 -9.97
CA GLY B 89 -22.61 -17.86 -11.33
C GLY B 89 -22.77 -16.39 -11.69
N ILE B 90 -22.48 -15.48 -10.77
CA ILE B 90 -22.40 -14.07 -11.11
C ILE B 90 -20.95 -13.72 -11.35
N GLY B 91 -20.73 -12.64 -12.08
CA GLY B 91 -19.39 -12.16 -12.40
C GLY B 91 -19.24 -10.72 -12.00
N TYR B 92 -18.06 -10.38 -11.48
CA TYR B 92 -17.82 -9.05 -10.93
C TYR B 92 -16.49 -8.51 -11.41
N LEU B 93 -16.44 -7.20 -11.63
CA LEU B 93 -15.20 -6.51 -11.92
C LEU B 93 -15.09 -5.30 -11.00
N PRO B 94 -13.97 -5.11 -10.31
CA PRO B 94 -13.84 -3.99 -9.38
C PRO B 94 -13.65 -2.65 -10.09
N GLN B 95 -14.05 -1.59 -9.40
CA GLN B 95 -13.93 -0.25 -9.98
C GLN B 95 -12.48 0.19 -10.01
N GLU B 96 -11.82 0.17 -8.86
CA GLU B 96 -10.39 0.39 -8.83
C GLU B 96 -9.66 -0.86 -9.33
N ALA B 97 -8.42 -0.66 -9.76
CA ALA B 97 -7.68 -1.73 -10.43
C ALA B 97 -7.22 -2.78 -9.43
N SER B 98 -7.38 -4.05 -9.79
CA SER B 98 -7.14 -5.15 -8.87
C SER B 98 -6.45 -6.31 -9.57
N ILE B 99 -5.48 -6.03 -10.43
CA ILE B 99 -4.72 -7.12 -10.99
C ILE B 99 -3.78 -7.69 -9.93
N PHE B 100 -3.33 -8.91 -10.18
CA PHE B 100 -2.21 -9.43 -9.41
C PHE B 100 -0.96 -8.61 -9.68
N ARG B 101 -0.13 -8.45 -8.66
CA ARG B 101 0.92 -7.45 -8.73
C ARG B 101 2.32 -8.06 -8.70
N ARG B 102 2.45 -9.35 -8.95
CA ARG B 102 3.74 -9.91 -9.31
C ARG B 102 3.70 -10.85 -10.51
N LEU B 103 2.52 -11.28 -10.93
CA LEU B 103 2.44 -12.27 -11.99
C LEU B 103 2.71 -11.64 -13.34
N SER B 104 2.64 -12.46 -14.37
CA SER B 104 2.54 -11.98 -15.73
C SER B 104 1.11 -12.17 -16.20
N VAL B 105 0.87 -11.73 -17.44
CA VAL B 105 -0.48 -11.69 -17.98
C VAL B 105 -1.00 -13.09 -18.23
N TYR B 106 -0.22 -13.89 -18.95
CA TYR B 106 -0.57 -15.29 -19.20
C TYR B 106 -0.62 -16.09 -17.90
N ASP B 107 0.22 -15.72 -16.94
CA ASP B 107 0.16 -16.34 -15.62
C ASP B 107 -1.17 -16.08 -14.94
N ASN B 108 -1.64 -14.83 -15.01
CA ASN B 108 -2.93 -14.46 -14.44
C ASN B 108 -4.07 -15.21 -15.11
N LEU B 109 -4.06 -15.21 -16.44
CA LEU B 109 -5.17 -15.80 -17.18
C LEU B 109 -5.24 -17.31 -16.97
N MET B 110 -4.09 -18.00 -17.07
CA MET B 110 -4.09 -19.44 -16.88
C MET B 110 -4.37 -19.82 -15.44
N ALA B 111 -3.95 -18.96 -14.49
CA ALA B 111 -4.23 -19.24 -13.09
C ALA B 111 -5.71 -19.11 -12.77
N VAL B 112 -6.40 -18.15 -13.41
CA VAL B 112 -7.85 -18.09 -13.26
C VAL B 112 -8.49 -19.28 -13.94
N LEU B 113 -7.96 -19.68 -15.10
CA LEU B 113 -8.56 -20.79 -15.84
C LEU B 113 -8.29 -22.16 -15.22
N GLN B 114 -7.42 -22.24 -14.21
CA GLN B 114 -7.28 -23.49 -13.46
C GLN B 114 -8.54 -23.83 -12.68
N ILE B 115 -9.32 -22.81 -12.28
CA ILE B 115 -10.53 -23.05 -11.49
C ILE B 115 -11.65 -23.59 -12.35
N ARG B 116 -11.60 -23.37 -13.66
CA ARG B 116 -12.58 -23.88 -14.60
C ARG B 116 -12.56 -25.40 -14.63
N ASP B 117 -13.62 -26.02 -14.10
CA ASP B 117 -13.67 -27.46 -13.86
C ASP B 117 -14.41 -28.16 -14.98
N ASP B 118 -14.23 -27.70 -16.20
CA ASP B 118 -14.94 -28.27 -17.34
C ASP B 118 -14.05 -28.72 -18.48
N LEU B 119 -12.74 -28.43 -18.43
CA LEU B 119 -11.89 -28.70 -19.57
C LEU B 119 -10.44 -28.84 -19.12
N SER B 120 -9.67 -29.58 -19.89
CA SER B 120 -8.30 -29.92 -19.52
C SER B 120 -7.36 -28.75 -19.79
N ALA B 121 -6.10 -28.93 -19.38
CA ALA B 121 -5.15 -27.83 -19.35
C ALA B 121 -4.69 -27.40 -20.75
N GLU B 122 -4.74 -28.32 -21.72
CA GLU B 122 -4.43 -27.93 -23.08
C GLU B 122 -5.52 -27.04 -23.67
N GLN B 123 -6.77 -27.28 -23.30
CA GLN B 123 -7.80 -26.34 -23.67
C GLN B 123 -7.75 -25.08 -22.81
N ARG B 124 -7.13 -25.16 -21.63
CA ARG B 124 -6.92 -23.97 -20.81
C ARG B 124 -5.93 -23.01 -21.47
N GLU B 125 -4.77 -23.52 -21.86
CA GLU B 125 -3.81 -22.68 -22.56
C GLU B 125 -4.30 -22.29 -23.95
N ASP B 126 -5.17 -23.12 -24.55
CA ASP B 126 -5.81 -22.75 -25.81
C ASP B 126 -6.71 -21.54 -25.62
N ARG B 127 -7.57 -21.57 -24.60
CA ARG B 127 -8.46 -20.46 -24.31
C ARG B 127 -7.69 -19.21 -23.90
N ALA B 128 -6.58 -19.39 -23.19
CA ALA B 128 -5.74 -18.26 -22.81
C ALA B 128 -5.10 -17.61 -24.02
N ASN B 129 -4.62 -18.42 -24.97
CA ASN B 129 -4.09 -17.88 -26.22
C ASN B 129 -5.17 -17.18 -27.02
N GLU B 130 -6.39 -17.71 -27.00
CA GLU B 130 -7.51 -17.07 -27.69
C GLU B 130 -7.82 -15.72 -27.07
N LEU B 131 -7.77 -15.63 -25.75
CA LEU B 131 -8.10 -14.36 -25.09
C LEU B 131 -7.00 -13.33 -25.29
N MET B 132 -5.73 -13.76 -25.23
CA MET B 132 -4.66 -12.80 -25.46
C MET B 132 -4.61 -12.34 -26.90
N GLU B 133 -4.96 -13.22 -27.84
CA GLU B 133 -5.08 -12.81 -29.23
C GLU B 133 -6.27 -11.88 -29.42
N GLU B 134 -7.33 -12.11 -28.67
CA GLU B 134 -8.58 -11.41 -28.93
C GLU B 134 -8.63 -10.05 -28.24
N PHE B 135 -7.77 -9.84 -27.23
CA PHE B 135 -7.58 -8.52 -26.66
C PHE B 135 -6.33 -7.83 -27.19
N HIS B 136 -5.48 -8.54 -27.93
CA HIS B 136 -4.23 -8.04 -28.50
C HIS B 136 -3.29 -7.51 -27.41
N ILE B 137 -2.85 -8.44 -26.57
CA ILE B 137 -1.93 -8.16 -25.48
C ILE B 137 -0.75 -9.12 -25.55
N GLU B 138 -0.58 -9.76 -26.71
CA GLU B 138 0.50 -10.72 -26.89
C GLU B 138 1.87 -10.05 -26.88
N HIS B 139 1.94 -8.77 -27.21
CA HIS B 139 3.19 -8.04 -27.15
C HIS B 139 3.42 -7.40 -25.79
N LEU B 140 2.59 -7.73 -24.80
CA LEU B 140 2.88 -7.49 -23.40
C LEU B 140 2.59 -8.71 -22.56
N ARG B 141 2.47 -9.88 -23.17
CA ARG B 141 1.94 -11.05 -22.47
C ARG B 141 2.86 -11.59 -21.39
N ASP B 142 4.12 -11.15 -21.34
CA ASP B 142 5.07 -11.68 -20.38
C ASP B 142 5.66 -10.59 -19.52
N SER B 143 5.13 -9.37 -19.63
CA SER B 143 5.49 -8.33 -18.68
C SER B 143 4.91 -8.66 -17.32
N MET B 144 5.59 -8.18 -16.28
CA MET B 144 5.08 -8.40 -14.94
C MET B 144 3.88 -7.51 -14.70
N GLY B 145 3.07 -7.88 -13.71
CA GLY B 145 1.72 -7.34 -13.62
C GLY B 145 1.68 -5.90 -13.17
N GLN B 146 2.30 -5.59 -12.03
CA GLN B 146 2.08 -4.31 -11.36
C GLN B 146 2.66 -3.11 -12.10
N SER B 147 3.45 -3.32 -13.14
CA SER B 147 4.10 -2.20 -13.80
C SER B 147 3.53 -1.91 -15.17
N LEU B 148 2.34 -2.43 -15.47
CA LEU B 148 1.73 -2.14 -16.75
C LEU B 148 1.19 -0.72 -16.76
N SER B 149 0.69 -0.31 -17.91
CA SER B 149 -0.03 0.95 -17.97
C SER B 149 -1.51 0.71 -17.74
N GLY B 150 -2.26 1.81 -17.61
CA GLY B 150 -3.65 1.71 -17.21
C GLY B 150 -4.53 1.04 -18.26
N GLY B 151 -4.22 1.27 -19.54
CA GLY B 151 -5.01 0.67 -20.59
C GLY B 151 -4.90 -0.85 -20.60
N GLU B 152 -3.67 -1.36 -20.58
CA GLU B 152 -3.48 -2.81 -20.53
C GLU B 152 -3.95 -3.38 -19.20
N ARG B 153 -3.87 -2.60 -18.12
CA ARG B 153 -4.31 -3.10 -16.84
C ARG B 153 -5.81 -3.31 -16.81
N ARG B 154 -6.58 -2.33 -17.30
CA ARG B 154 -8.02 -2.50 -17.38
C ARG B 154 -8.40 -3.55 -18.41
N ARG B 155 -7.58 -3.70 -19.46
CA ARG B 155 -7.89 -4.70 -20.47
C ARG B 155 -7.71 -6.11 -19.92
N VAL B 156 -6.65 -6.34 -19.15
CA VAL B 156 -6.47 -7.66 -18.57
C VAL B 156 -7.42 -7.87 -17.39
N GLU B 157 -7.91 -6.79 -16.75
CA GLU B 157 -9.03 -6.92 -15.82
C GLU B 157 -10.24 -7.52 -16.50
N ILE B 158 -10.63 -6.96 -17.64
CA ILE B 158 -11.78 -7.46 -18.37
C ILE B 158 -11.51 -8.88 -18.87
N ALA B 159 -10.26 -9.18 -19.20
CA ALA B 159 -9.91 -10.54 -19.64
C ALA B 159 -10.09 -11.56 -18.52
N ARG B 160 -9.51 -11.30 -17.34
CA ARG B 160 -9.64 -12.23 -16.23
C ARG B 160 -11.06 -12.28 -15.69
N ALA B 161 -11.85 -11.24 -15.93
CA ALA B 161 -13.26 -11.32 -15.58
C ALA B 161 -14.00 -12.24 -16.54
N LEU B 162 -13.82 -12.04 -17.84
CA LEU B 162 -14.53 -12.84 -18.84
C LEU B 162 -14.06 -14.28 -18.90
N ALA B 163 -12.88 -14.56 -18.35
CA ALA B 163 -12.34 -15.91 -18.45
C ALA B 163 -13.09 -16.92 -17.60
N ALA B 164 -13.81 -16.48 -16.57
CA ALA B 164 -14.46 -17.43 -15.67
C ALA B 164 -15.73 -18.02 -16.26
N ASN B 165 -16.31 -17.37 -17.28
CA ASN B 165 -17.56 -17.71 -17.94
C ASN B 165 -18.74 -17.86 -16.96
N PRO B 166 -19.25 -16.77 -16.39
CA PRO B 166 -20.40 -16.90 -15.50
C PRO B 166 -21.70 -16.80 -16.30
N LYS B 167 -22.84 -16.82 -15.62
CA LYS B 167 -24.10 -16.56 -16.30
C LYS B 167 -24.36 -15.06 -16.38
N PHE B 168 -24.09 -14.37 -15.29
CA PHE B 168 -24.28 -12.93 -15.18
C PHE B 168 -22.95 -12.29 -14.85
N ILE B 169 -22.75 -11.06 -15.33
CA ILE B 169 -21.48 -10.39 -15.17
C ILE B 169 -21.71 -8.92 -14.89
N LEU B 170 -21.00 -8.40 -13.89
CA LEU B 170 -21.14 -7.02 -13.45
C LEU B 170 -19.84 -6.28 -13.65
N LEU B 171 -19.91 -5.13 -14.31
CA LEU B 171 -18.75 -4.29 -14.59
C LEU B 171 -18.93 -2.94 -13.94
N ASP B 172 -17.83 -2.33 -13.52
CA ASP B 172 -17.83 -0.94 -13.10
C ASP B 172 -16.71 -0.21 -13.81
N GLU B 173 -17.08 0.77 -14.63
CA GLU B 173 -16.22 1.58 -15.50
C GLU B 173 -15.28 0.71 -16.32
N PRO B 174 -15.78 -0.07 -17.29
CA PRO B 174 -14.88 -0.91 -18.08
C PRO B 174 -14.08 -0.13 -19.09
N PHE B 175 -14.36 1.15 -19.26
CA PHE B 175 -13.75 1.96 -20.29
C PHE B 175 -12.77 2.97 -19.71
N ALA B 176 -12.31 2.71 -18.49
CA ALA B 176 -11.46 3.67 -17.78
C ALA B 176 -10.06 3.62 -18.36
N GLY B 177 -9.62 4.74 -18.94
CA GLY B 177 -8.27 4.84 -19.44
C GLY B 177 -7.95 3.96 -20.61
N VAL B 178 -8.91 3.76 -21.50
CA VAL B 178 -8.76 2.86 -22.64
C VAL B 178 -8.87 3.69 -23.92
N ASP B 179 -7.98 3.42 -24.87
CA ASP B 179 -8.07 4.07 -26.16
C ASP B 179 -9.27 3.56 -26.96
N PRO B 180 -9.86 4.40 -27.82
CA PRO B 180 -11.17 4.07 -28.41
C PRO B 180 -11.19 2.85 -29.31
N ILE B 181 -10.06 2.48 -29.92
CA ILE B 181 -10.05 1.28 -30.75
C ILE B 181 -10.23 0.04 -29.90
N SER B 182 -9.54 -0.02 -28.77
CA SER B 182 -9.78 -1.12 -27.83
C SER B 182 -11.15 -1.02 -27.17
N VAL B 183 -11.69 0.20 -27.07
CA VAL B 183 -13.06 0.35 -26.55
C VAL B 183 -14.05 -0.33 -27.48
N ILE B 184 -13.96 -0.06 -28.78
CA ILE B 184 -14.85 -0.68 -29.76
C ILE B 184 -14.58 -2.17 -29.85
N ASP B 185 -13.32 -2.58 -29.60
CA ASP B 185 -12.99 -4.00 -29.54
C ASP B 185 -13.73 -4.70 -28.41
N ILE B 186 -13.66 -4.13 -27.20
CA ILE B 186 -14.35 -4.70 -26.04
C ILE B 186 -15.85 -4.67 -26.24
N LYS B 187 -16.35 -3.64 -26.93
CA LYS B 187 -17.76 -3.57 -27.30
C LYS B 187 -18.16 -4.77 -28.15
N ARG B 188 -17.33 -5.10 -29.14
CA ARG B 188 -17.60 -6.26 -29.99
C ARG B 188 -17.52 -7.55 -29.20
N ILE B 189 -16.61 -7.63 -28.22
CA ILE B 189 -16.48 -8.86 -27.45
C ILE B 189 -17.70 -9.09 -26.57
N ILE B 190 -18.19 -8.04 -25.92
CA ILE B 190 -19.33 -8.19 -25.03
C ILE B 190 -20.61 -8.43 -25.83
N GLU B 191 -20.73 -7.81 -27.01
CA GLU B 191 -21.94 -8.09 -27.77
C GLU B 191 -21.89 -9.47 -28.44
N HIS B 192 -20.69 -9.99 -28.71
CA HIS B 192 -20.61 -11.36 -29.17
C HIS B 192 -20.92 -12.34 -28.04
N LEU B 193 -20.58 -11.99 -26.80
CA LEU B 193 -21.03 -12.83 -25.71
C LEU B 193 -22.52 -12.66 -25.42
N ARG B 194 -23.10 -11.53 -25.80
CA ARG B 194 -24.54 -11.40 -25.76
C ARG B 194 -25.16 -12.30 -26.81
N ASP B 195 -24.49 -12.46 -27.96
CA ASP B 195 -24.91 -13.48 -28.92
C ASP B 195 -24.73 -14.87 -28.36
N SER B 196 -23.77 -15.07 -27.46
CA SER B 196 -23.71 -16.31 -26.70
C SER B 196 -24.84 -16.39 -25.66
N GLY B 197 -25.40 -15.26 -25.27
CA GLY B 197 -26.56 -15.26 -24.39
C GLY B 197 -26.19 -15.15 -22.92
N LEU B 198 -25.40 -14.16 -22.55
CA LEU B 198 -24.95 -14.00 -21.17
C LEU B 198 -25.23 -12.57 -20.72
N GLY B 199 -26.01 -12.43 -19.66
CA GLY B 199 -26.45 -11.12 -19.22
C GLY B 199 -25.35 -10.32 -18.55
N VAL B 200 -25.29 -9.04 -18.88
CA VAL B 200 -24.22 -8.15 -18.44
C VAL B 200 -24.84 -6.90 -17.84
N LEU B 201 -24.20 -6.34 -16.81
CA LEU B 201 -24.61 -5.09 -16.22
C LEU B 201 -23.41 -4.16 -16.17
N ILE B 202 -23.60 -2.94 -16.67
CA ILE B 202 -22.51 -2.02 -16.98
C ILE B 202 -22.77 -0.69 -16.28
N THR B 203 -21.74 -0.13 -15.66
CA THR B 203 -21.73 1.24 -15.20
C THR B 203 -20.57 1.94 -15.88
N ASP B 204 -20.79 3.15 -16.39
CA ASP B 204 -19.76 3.83 -17.14
C ASP B 204 -19.99 5.32 -17.02
N HIS B 205 -19.04 6.11 -17.53
CA HIS B 205 -19.23 7.54 -17.72
C HIS B 205 -19.11 8.00 -19.16
N ASN B 206 -18.43 7.26 -20.03
CA ASN B 206 -18.42 7.63 -21.44
C ASN B 206 -19.75 7.22 -22.03
N VAL B 207 -20.71 8.15 -21.96
CA VAL B 207 -22.08 7.86 -22.35
C VAL B 207 -22.20 7.70 -23.87
N ARG B 208 -21.41 8.46 -24.64
CA ARG B 208 -21.54 8.45 -26.09
C ARG B 208 -20.95 7.20 -26.71
N GLU B 209 -20.25 6.38 -25.94
CA GLU B 209 -19.89 5.03 -26.34
C GLU B 209 -20.63 3.97 -25.54
N THR B 210 -21.23 4.34 -24.41
CA THR B 210 -21.95 3.36 -23.60
C THR B 210 -23.33 3.11 -24.16
N LEU B 211 -23.99 4.15 -24.68
CA LEU B 211 -25.35 3.98 -25.17
C LEU B 211 -25.41 3.20 -26.47
N ALA B 212 -24.31 3.12 -27.21
CA ALA B 212 -24.34 2.42 -28.49
C ALA B 212 -24.45 0.91 -28.32
N VAL B 213 -24.07 0.38 -27.16
CA VAL B 213 -24.09 -1.05 -26.94
C VAL B 213 -25.25 -1.49 -26.04
N CYS B 214 -25.71 -0.65 -25.13
CA CYS B 214 -26.68 -1.09 -24.13
C CYS B 214 -28.07 -1.17 -24.71
N GLU B 215 -28.83 -2.14 -24.23
CA GLU B 215 -30.21 -2.34 -24.67
C GLU B 215 -31.15 -1.38 -23.95
N ARG B 216 -31.19 -1.47 -22.62
CA ARG B 216 -31.95 -0.57 -21.78
C ARG B 216 -31.08 -0.15 -20.61
N ALA B 217 -31.44 0.94 -19.94
CA ALA B 217 -30.52 1.56 -18.99
C ALA B 217 -31.27 2.13 -17.80
N TYR B 218 -31.09 1.52 -16.64
CA TYR B 218 -31.48 2.13 -15.38
C TYR B 218 -30.62 3.36 -15.13
N ILE B 219 -31.23 4.40 -14.57
CA ILE B 219 -30.52 5.63 -14.23
C ILE B 219 -30.75 5.94 -12.76
N VAL B 220 -29.67 6.13 -12.01
CA VAL B 220 -29.73 6.28 -10.56
C VAL B 220 -29.25 7.67 -10.19
N SER B 221 -29.98 8.34 -9.29
CA SER B 221 -29.55 9.63 -8.73
C SER B 221 -29.83 9.64 -7.23
N GLN B 222 -28.78 9.37 -6.43
CA GLN B 222 -28.81 9.41 -4.96
C GLN B 222 -29.88 8.48 -4.38
N GLY B 223 -29.85 7.23 -4.81
CA GLY B 223 -30.81 6.23 -4.41
C GLY B 223 -32.08 6.23 -5.24
N HIS B 224 -32.45 7.36 -5.81
CA HIS B 224 -33.71 7.46 -6.53
C HIS B 224 -33.49 6.97 -7.95
N LEU B 225 -34.08 5.82 -8.28
CA LEU B 225 -34.04 5.31 -9.65
C LEU B 225 -34.99 6.16 -10.48
N ILE B 226 -34.49 7.31 -10.93
CA ILE B 226 -35.37 8.33 -11.48
C ILE B 226 -35.78 8.06 -12.92
N ALA B 227 -35.10 7.15 -13.62
CA ALA B 227 -35.47 6.90 -15.00
C ALA B 227 -35.05 5.50 -15.41
N HIS B 228 -35.71 5.00 -16.44
CA HIS B 228 -35.39 3.76 -17.13
C HIS B 228 -36.08 3.73 -18.48
N GLY B 229 -35.37 3.29 -19.50
CA GLY B 229 -36.01 3.02 -20.78
C GLY B 229 -34.99 2.93 -21.90
N THR B 230 -35.49 3.16 -23.11
CA THR B 230 -34.67 3.10 -24.31
C THR B 230 -33.70 4.27 -24.34
N PRO B 231 -32.61 4.16 -25.13
CA PRO B 231 -31.68 5.30 -25.28
C PRO B 231 -32.33 6.57 -25.78
N THR B 232 -33.30 6.49 -26.69
CA THR B 232 -33.94 7.69 -27.21
C THR B 232 -34.81 8.36 -26.15
N GLU B 233 -35.42 7.58 -25.27
CA GLU B 233 -36.23 8.19 -24.22
C GLU B 233 -35.38 8.77 -23.12
N ILE B 234 -34.29 8.08 -22.75
CA ILE B 234 -33.46 8.64 -21.69
C ILE B 234 -32.61 9.80 -22.19
N LEU B 235 -32.41 9.92 -23.51
CA LEU B 235 -31.85 11.16 -24.05
C LEU B 235 -32.91 12.24 -24.20
N GLN B 236 -34.18 11.84 -24.36
CA GLN B 236 -35.26 12.80 -24.46
C GLN B 236 -35.59 13.43 -23.11
N ASP B 237 -35.24 12.76 -22.01
CA ASP B 237 -35.60 13.22 -20.67
C ASP B 237 -34.84 14.50 -20.32
N GLU B 238 -35.59 15.61 -20.27
CA GLU B 238 -35.04 16.89 -19.86
C GLU B 238 -34.68 16.93 -18.37
N HIS B 239 -35.20 16.00 -17.57
CA HIS B 239 -34.81 15.90 -16.18
C HIS B 239 -33.37 15.44 -16.06
N VAL B 240 -33.05 14.28 -16.64
CA VAL B 240 -31.70 13.75 -16.51
C VAL B 240 -30.72 14.49 -17.39
N LYS B 241 -31.20 15.23 -18.41
CA LYS B 241 -30.29 16.12 -19.12
C LYS B 241 -29.85 17.27 -18.23
N ARG B 242 -30.72 17.68 -17.31
CA ARG B 242 -30.34 18.64 -16.29
C ARG B 242 -29.52 17.98 -15.19
N VAL B 243 -29.83 16.73 -14.84
CA VAL B 243 -29.23 16.11 -13.65
C VAL B 243 -27.86 15.54 -13.97
N TYR B 244 -27.73 14.86 -15.10
CA TYR B 244 -26.57 14.03 -15.35
C TYR B 244 -25.87 14.31 -16.67
N LEU B 245 -26.59 14.63 -17.74
CA LEU B 245 -25.94 14.84 -19.01
C LEU B 245 -25.33 16.24 -19.11
N GLY B 246 -26.17 17.27 -19.06
CA GLY B 246 -25.71 18.62 -19.28
C GLY B 246 -25.73 19.01 -20.75
N ILE C 3 -2.06 -21.85 -11.96
CA ILE C 3 -2.51 -22.06 -10.60
C ILE C 3 -2.18 -20.78 -9.83
N ILE C 4 -2.89 -20.53 -8.73
CA ILE C 4 -2.69 -19.30 -7.97
C ILE C 4 -1.79 -19.51 -6.75
N ARG C 5 -0.88 -20.49 -6.81
CA ARG C 5 0.15 -20.78 -5.80
C ARG C 5 0.97 -19.58 -5.35
N TYR C 6 0.90 -18.48 -6.12
CA TYR C 6 1.44 -17.15 -5.85
C TYR C 6 1.37 -16.69 -4.40
N LEU C 7 0.29 -17.04 -3.69
CA LEU C 7 0.14 -16.75 -2.27
C LEU C 7 1.32 -17.22 -1.45
N VAL C 8 1.73 -18.47 -1.60
CA VAL C 8 2.85 -18.94 -0.79
C VAL C 8 4.16 -18.37 -1.33
N ARG C 9 4.24 -18.15 -2.66
CA ARG C 9 5.47 -17.65 -3.24
C ARG C 9 5.66 -16.18 -2.90
N GLU C 10 4.58 -15.46 -2.68
CA GLU C 10 4.73 -14.07 -2.30
C GLU C 10 4.99 -14.00 -0.79
N THR C 11 4.17 -14.67 0.00
CA THR C 11 4.25 -14.49 1.45
C THR C 11 5.49 -15.11 2.05
N LEU C 12 6.15 -16.03 1.33
CA LEU C 12 7.40 -16.56 1.86
C LEU C 12 8.51 -15.53 1.80
N LYS C 13 8.42 -14.58 0.88
CA LYS C 13 9.34 -13.45 0.89
C LYS C 13 9.20 -12.63 2.16
N SER C 14 7.96 -12.32 2.55
CA SER C 14 7.73 -11.59 3.77
C SER C 14 8.12 -12.40 4.98
N GLN C 15 7.91 -13.71 4.91
CA GLN C 15 8.32 -14.65 5.94
C GLN C 15 9.81 -14.53 6.23
N LEU C 16 10.62 -14.70 5.18
CA LEU C 16 12.07 -14.62 5.36
C LEU C 16 12.53 -13.22 5.71
N ALA C 17 11.87 -12.20 5.16
CA ALA C 17 12.27 -10.82 5.42
C ALA C 17 12.04 -10.46 6.88
N ILE C 18 10.85 -10.77 7.39
CA ILE C 18 10.56 -10.40 8.76
C ILE C 18 11.32 -11.31 9.72
N LEU C 19 11.68 -12.51 9.28
CA LEU C 19 12.44 -13.40 10.15
C LEU C 19 13.87 -12.92 10.30
N PHE C 20 14.52 -12.52 9.21
CA PHE C 20 15.90 -12.03 9.36
C PHE C 20 15.93 -10.66 10.01
N ILE C 21 14.96 -9.79 9.70
CA ILE C 21 14.99 -8.46 10.30
C ILE C 21 14.57 -8.51 11.76
N LEU C 22 13.92 -9.58 12.20
CA LEU C 22 13.68 -9.71 13.62
C LEU C 22 14.65 -10.66 14.30
N LEU C 23 15.53 -11.32 13.57
CA LEU C 23 16.59 -11.99 14.28
C LEU C 23 17.81 -11.10 14.47
N LEU C 24 18.05 -10.15 13.56
CA LEU C 24 19.17 -9.26 13.82
C LEU C 24 18.85 -8.26 14.92
N ILE C 25 17.61 -7.80 15.00
CA ILE C 25 17.13 -7.20 16.24
C ILE C 25 16.94 -8.33 17.25
N PHE C 26 17.03 -7.96 18.54
CA PHE C 26 17.17 -8.76 19.76
C PHE C 26 18.57 -9.32 19.92
N PHE C 27 19.42 -9.16 18.91
CA PHE C 27 20.85 -9.39 19.04
C PHE C 27 21.63 -8.14 18.68
N CYS C 28 20.95 -6.98 18.70
CA CYS C 28 21.63 -5.73 18.36
C CYS C 28 22.66 -5.38 19.41
N GLN C 29 22.32 -5.54 20.69
CA GLN C 29 23.26 -5.18 21.74
C GLN C 29 24.37 -6.21 21.94
N LYS C 30 24.34 -7.33 21.23
CA LYS C 30 25.45 -8.27 21.20
C LYS C 30 26.32 -8.09 19.97
N LEU C 31 25.67 -8.05 18.79
CA LEU C 31 26.33 -7.78 17.51
C LEU C 31 26.91 -6.37 17.42
N VAL C 32 26.56 -5.47 18.32
CA VAL C 32 27.31 -4.24 18.45
C VAL C 32 28.50 -4.55 19.36
N ARG C 33 28.19 -4.91 20.61
CA ARG C 33 29.17 -4.81 21.69
C ARG C 33 30.30 -5.81 21.53
N ILE C 34 29.98 -7.09 21.53
CA ILE C 34 31.08 -8.06 21.57
C ILE C 34 31.63 -8.29 20.17
N LEU C 35 30.78 -8.19 19.14
CA LEU C 35 31.23 -8.26 17.75
C LEU C 35 32.14 -7.10 17.37
N GLY C 36 32.05 -5.97 18.07
CA GLY C 36 32.99 -4.91 17.80
C GLY C 36 34.23 -5.00 18.67
N ALA C 37 34.06 -5.46 19.91
CA ALA C 37 35.22 -5.60 20.79
C ALA C 37 36.11 -6.76 20.40
N ALA C 38 35.61 -7.68 19.58
CA ALA C 38 36.44 -8.81 19.14
C ALA C 38 37.44 -8.44 18.06
N VAL C 39 37.29 -7.29 17.40
CA VAL C 39 38.22 -6.92 16.34
C VAL C 39 39.55 -6.48 16.93
N ASP C 40 39.51 -5.79 18.08
CA ASP C 40 40.71 -5.31 18.76
C ASP C 40 41.14 -6.22 19.91
N GLY C 41 40.20 -6.61 20.77
CA GLY C 41 40.53 -7.27 22.02
C GLY C 41 41.00 -8.71 21.94
N ASP C 42 40.11 -9.61 21.56
CA ASP C 42 40.37 -11.04 21.65
C ASP C 42 39.80 -11.72 20.41
N ILE C 43 40.55 -12.66 19.85
CA ILE C 43 40.06 -13.44 18.70
C ILE C 43 40.27 -14.92 18.94
N PRO C 44 39.36 -15.63 19.64
CA PRO C 44 39.25 -17.08 19.43
C PRO C 44 38.13 -17.40 18.47
N ALA C 45 38.01 -18.66 18.06
CA ALA C 45 36.90 -19.06 17.20
C ALA C 45 35.60 -19.11 17.99
N ASN C 46 35.62 -19.74 19.16
CA ASN C 46 34.44 -19.78 20.04
C ASN C 46 34.36 -18.56 20.94
N LEU C 47 34.50 -17.39 20.33
CA LEU C 47 33.92 -16.15 20.81
C LEU C 47 32.79 -15.74 19.88
N VAL C 48 33.08 -15.59 18.58
CA VAL C 48 32.03 -15.33 17.62
C VAL C 48 31.13 -16.56 17.43
N LEU C 49 31.70 -17.77 17.50
CA LEU C 49 30.85 -18.96 17.47
C LEU C 49 30.02 -19.09 18.74
N SER C 50 30.56 -18.64 19.88
CA SER C 50 29.79 -18.64 21.12
C SER C 50 28.66 -17.63 21.04
N LEU C 51 28.91 -16.46 20.44
CA LEU C 51 27.87 -15.45 20.28
C LEU C 51 26.80 -15.88 19.29
N LEU C 52 27.20 -16.62 18.25
CA LEU C 52 26.21 -17.19 17.34
C LEU C 52 25.38 -18.24 18.05
N GLY C 53 26.02 -19.03 18.93
CA GLY C 53 25.28 -20.00 19.72
C GLY C 53 24.46 -19.41 20.85
N LEU C 54 24.72 -18.16 21.22
CA LEU C 54 23.93 -17.51 22.24
C LEU C 54 22.53 -17.22 21.72
N GLY C 55 21.52 -17.69 22.45
CA GLY C 55 20.16 -17.25 22.29
C GLY C 55 19.44 -17.68 21.03
N VAL C 56 20.11 -18.37 20.11
CA VAL C 56 19.47 -18.73 18.85
C VAL C 56 18.33 -19.75 18.96
N PRO C 57 18.29 -20.76 19.86
CA PRO C 57 17.18 -21.71 19.74
C PRO C 57 15.85 -21.18 20.23
N GLU C 58 15.84 -20.47 21.37
CA GLU C 58 14.56 -20.00 21.89
C GLU C 58 14.03 -18.85 21.08
N MET C 59 14.90 -17.99 20.56
CA MET C 59 14.40 -16.92 19.71
C MET C 59 14.01 -17.44 18.34
N ALA C 60 14.64 -18.53 17.87
CA ALA C 60 14.16 -19.18 16.66
C ALA C 60 12.75 -19.72 16.86
N GLN C 61 12.57 -20.56 17.88
CA GLN C 61 11.29 -21.22 18.15
C GLN C 61 10.21 -20.25 18.60
N LEU C 62 10.55 -19.02 18.97
CA LEU C 62 9.56 -18.05 19.36
C LEU C 62 9.26 -17.04 18.27
N ILE C 63 10.27 -16.62 17.50
CA ILE C 63 10.07 -15.58 16.51
C ILE C 63 9.54 -16.17 15.21
N LEU C 64 9.93 -17.40 14.88
CA LEU C 64 9.41 -18.02 13.66
C LEU C 64 7.89 -18.25 13.66
N PRO C 65 7.22 -18.63 14.75
CA PRO C 65 5.75 -18.50 14.75
C PRO C 65 5.28 -17.06 14.59
N LEU C 66 5.92 -16.11 15.30
CA LEU C 66 5.62 -14.68 15.09
C LEU C 66 5.88 -14.27 13.67
N SER C 67 6.97 -14.76 13.09
CA SER C 67 7.27 -14.49 11.68
C SER C 67 6.15 -14.97 10.79
N LEU C 68 5.59 -16.14 11.09
CA LEU C 68 4.49 -16.63 10.27
C LEU C 68 3.25 -15.77 10.44
N PHE C 69 2.82 -15.52 11.68
CA PHE C 69 1.55 -14.80 11.76
C PHE C 69 1.70 -13.30 11.61
N LEU C 70 2.90 -12.79 11.41
CA LEU C 70 3.03 -11.38 11.10
C LEU C 70 3.30 -11.15 9.61
N GLY C 71 4.11 -12.01 8.99
CA GLY C 71 4.26 -11.97 7.57
C GLY C 71 3.03 -12.43 6.82
N LEU C 72 2.23 -13.30 7.42
CA LEU C 72 0.99 -13.63 6.75
C LEU C 72 -0.03 -12.54 6.98
N LEU C 73 0.16 -11.71 7.99
CA LEU C 73 -0.73 -10.59 8.14
C LEU C 73 -0.41 -9.49 7.15
N MET C 74 0.87 -9.11 7.05
CA MET C 74 1.34 -7.95 6.28
C MET C 74 0.93 -7.97 4.81
N THR C 75 1.45 -8.92 4.06
CA THR C 75 1.25 -8.85 2.62
C THR C 75 -0.11 -9.35 2.22
N LEU C 76 -0.68 -10.29 2.96
CA LEU C 76 -2.04 -10.70 2.65
C LEU C 76 -3.03 -9.60 2.99
N GLY C 77 -2.72 -8.75 3.96
CA GLY C 77 -3.52 -7.56 4.18
C GLY C 77 -3.30 -6.51 3.12
N LYS C 78 -2.09 -6.42 2.59
CA LYS C 78 -1.88 -5.59 1.40
C LYS C 78 -2.71 -6.08 0.23
N LEU C 79 -2.88 -7.41 0.13
CA LEU C 79 -3.72 -7.97 -0.92
C LEU C 79 -5.18 -7.61 -0.70
N TYR C 80 -5.64 -7.70 0.56
CA TYR C 80 -6.97 -7.25 0.90
C TYR C 80 -7.19 -5.77 0.57
N THR C 81 -6.23 -4.90 0.92
CA THR C 81 -6.47 -3.48 0.77
C THR C 81 -6.19 -2.97 -0.64
N GLU C 82 -5.49 -3.74 -1.45
CA GLU C 82 -5.47 -3.49 -2.88
C GLU C 82 -6.56 -4.27 -3.60
N SER C 83 -7.42 -4.94 -2.83
CA SER C 83 -8.76 -5.32 -3.25
C SER C 83 -8.73 -6.46 -4.26
N GLU C 84 -7.68 -7.28 -4.16
CA GLU C 84 -7.42 -8.31 -5.14
C GLU C 84 -8.15 -9.61 -4.82
N ILE C 85 -8.33 -9.92 -3.54
CA ILE C 85 -9.13 -11.06 -3.14
C ILE C 85 -10.60 -10.84 -3.48
N THR C 86 -11.03 -9.60 -3.69
CA THR C 86 -12.44 -9.41 -4.03
C THR C 86 -12.75 -9.83 -5.47
N VAL C 87 -11.76 -10.20 -6.27
CA VAL C 87 -12.02 -10.74 -7.59
C VAL C 87 -11.44 -12.15 -7.66
N MET C 88 -10.40 -12.43 -6.86
CA MET C 88 -9.93 -13.81 -6.73
C MET C 88 -10.99 -14.69 -6.09
N HIS C 89 -11.54 -14.21 -4.99
CA HIS C 89 -12.72 -14.70 -4.27
C HIS C 89 -13.89 -14.84 -5.22
N ALA C 90 -14.00 -13.91 -6.17
CA ALA C 90 -15.11 -13.82 -7.10
C ALA C 90 -14.86 -14.62 -8.37
N CYS C 91 -14.11 -15.70 -8.30
CA CYS C 91 -13.95 -16.61 -9.43
C CYS C 91 -14.12 -18.04 -8.97
N GLY C 92 -15.16 -18.28 -8.18
CA GLY C 92 -15.48 -19.63 -7.77
C GLY C 92 -14.64 -20.20 -6.65
N LEU C 93 -13.90 -19.37 -5.93
CA LEU C 93 -13.06 -19.85 -4.85
C LEU C 93 -13.86 -19.80 -3.54
N SER C 94 -13.16 -19.92 -2.42
CA SER C 94 -13.72 -19.71 -1.08
C SER C 94 -12.55 -19.40 -0.15
N LYS C 95 -12.82 -19.45 1.16
CA LYS C 95 -11.74 -19.38 2.14
C LYS C 95 -10.86 -20.61 2.15
N ALA C 96 -11.35 -21.71 1.54
CA ALA C 96 -10.62 -22.98 1.55
C ALA C 96 -9.29 -22.87 0.85
N VAL C 97 -9.21 -22.06 -0.20
CA VAL C 97 -7.96 -21.96 -0.93
C VAL C 97 -6.95 -21.13 -0.13
N LEU C 98 -7.42 -20.15 0.63
CA LEU C 98 -6.49 -19.37 1.43
C LEU C 98 -6.00 -20.17 2.62
N VAL C 99 -6.88 -20.94 3.25
CA VAL C 99 -6.40 -21.72 4.39
C VAL C 99 -5.58 -22.90 3.91
N LYS C 100 -5.80 -23.36 2.67
CA LYS C 100 -4.95 -24.42 2.13
C LYS C 100 -3.56 -23.88 1.83
N ALA C 101 -3.48 -22.66 1.29
CA ALA C 101 -2.18 -22.05 1.07
C ALA C 101 -1.48 -21.74 2.38
N ALA C 102 -2.27 -21.34 3.39
CA ALA C 102 -1.72 -21.04 4.69
C ALA C 102 -1.17 -22.30 5.36
N MET C 103 -1.89 -23.42 5.28
CA MET C 103 -1.35 -24.63 5.88
C MET C 103 -0.19 -25.19 5.07
N ILE C 104 -0.14 -24.92 3.76
CA ILE C 104 1.02 -25.36 2.98
C ILE C 104 2.27 -24.60 3.36
N LEU C 105 2.18 -23.28 3.50
CA LEU C 105 3.36 -22.53 3.91
C LEU C 105 3.71 -22.82 5.37
N ALA C 106 2.70 -23.13 6.18
CA ALA C 106 2.95 -23.48 7.57
C ALA C 106 3.62 -24.84 7.69
N VAL C 107 3.26 -25.81 6.85
CA VAL C 107 3.98 -27.08 6.94
C VAL C 107 5.34 -26.99 6.26
N PHE C 108 5.53 -26.03 5.34
CA PHE C 108 6.86 -25.79 4.82
C PHE C 108 7.77 -25.19 5.88
N THR C 109 7.22 -24.39 6.78
CA THR C 109 8.05 -23.92 7.88
C THR C 109 7.97 -24.84 9.09
N ALA C 110 7.13 -25.86 9.04
CA ALA C 110 7.08 -26.84 10.13
C ALA C 110 8.34 -27.66 10.22
N ILE C 111 9.02 -27.89 9.11
CA ILE C 111 10.25 -28.67 9.17
C ILE C 111 11.36 -27.89 9.84
N VAL C 112 11.44 -26.57 9.59
CA VAL C 112 12.48 -25.82 10.28
C VAL C 112 12.06 -25.54 11.72
N ALA C 113 10.75 -25.40 11.96
CA ALA C 113 10.24 -25.31 13.33
C ALA C 113 10.39 -26.61 14.08
N ALA C 114 10.58 -27.72 13.38
CA ALA C 114 10.87 -28.99 14.00
C ALA C 114 12.36 -29.18 14.25
N VAL C 115 13.20 -28.79 13.30
CA VAL C 115 14.62 -29.05 13.49
C VAL C 115 15.22 -28.09 14.50
N ASN C 116 14.74 -26.84 14.60
CA ASN C 116 15.34 -25.90 15.54
C ASN C 116 14.98 -26.19 17.00
N VAL C 117 14.24 -27.27 17.27
CA VAL C 117 14.13 -27.85 18.60
C VAL C 117 14.73 -29.24 18.67
N MET C 118 14.36 -30.12 17.73
CA MET C 118 14.71 -31.53 17.85
C MET C 118 16.20 -31.76 17.62
N TRP C 119 16.82 -31.02 16.71
CA TRP C 119 18.26 -31.14 16.53
C TRP C 119 19.03 -29.96 17.08
N ALA C 120 18.35 -28.97 17.68
CA ALA C 120 19.03 -27.91 18.38
C ALA C 120 19.07 -28.10 19.88
N GLY C 121 18.31 -29.06 20.41
CA GLY C 121 18.38 -29.47 21.79
C GLY C 121 19.74 -29.94 22.30
N PRO C 122 20.33 -30.98 21.71
CA PRO C 122 21.65 -31.43 22.18
C PRO C 122 22.74 -30.40 21.95
N TRP C 123 22.65 -29.62 20.88
CA TRP C 123 23.55 -28.48 20.71
C TRP C 123 23.33 -27.46 21.81
N SER C 124 22.07 -27.26 22.23
CA SER C 124 21.78 -26.34 23.32
C SER C 124 22.39 -26.83 24.62
N SER C 125 22.36 -28.15 24.86
CA SER C 125 22.99 -28.72 26.04
C SER C 125 24.49 -28.49 26.03
N ARG C 126 25.16 -28.90 24.95
CA ARG C 126 26.62 -28.88 24.90
C ARG C 126 27.18 -27.46 24.88
N HIS C 127 26.54 -26.56 24.12
CA HIS C 127 27.03 -25.21 23.95
C HIS C 127 26.16 -24.18 24.64
N GLN C 128 25.40 -24.58 25.65
CA GLN C 128 24.75 -23.65 26.55
C GLN C 128 24.92 -24.00 28.02
N ASP C 129 25.33 -25.23 28.37
CA ASP C 129 25.77 -25.48 29.74
C ASP C 129 27.09 -24.78 30.03
N GLU C 130 27.88 -24.46 28.99
CA GLU C 130 29.15 -23.76 29.12
C GLU C 130 29.00 -22.36 29.72
N GLU C 265 6.90 -33.74 29.52
CA GLU C 265 7.53 -32.57 28.90
C GLU C 265 7.61 -32.76 27.40
N LEU C 266 7.59 -34.01 26.94
CA LEU C 266 7.74 -34.31 25.53
C LEU C 266 6.53 -33.87 24.70
N ASN C 267 5.41 -33.52 25.34
CA ASN C 267 4.30 -32.88 24.66
C ASN C 267 4.65 -31.51 24.07
N TRP C 268 5.72 -30.88 24.54
CA TRP C 268 6.11 -29.56 24.08
C TRP C 268 6.53 -29.57 22.61
N ARG C 269 7.15 -30.64 22.16
CA ARG C 269 7.52 -30.79 20.76
C ARG C 269 6.33 -31.10 19.87
N ILE C 270 5.16 -31.36 20.43
CA ILE C 270 3.95 -31.43 19.63
C ILE C 270 3.21 -30.10 19.68
N THR C 271 3.22 -29.44 20.84
CA THR C 271 2.58 -28.13 20.94
C THR C 271 3.30 -27.07 20.11
N LEU C 272 4.61 -27.19 19.95
CA LEU C 272 5.31 -26.17 19.20
C LEU C 272 5.08 -26.33 17.71
N VAL C 273 4.98 -27.58 17.23
CA VAL C 273 4.62 -27.78 15.83
C VAL C 273 3.12 -27.62 15.64
N PHE C 274 2.37 -27.51 16.72
CA PHE C 274 0.96 -27.18 16.62
C PHE C 274 0.71 -25.69 16.65
N THR C 275 1.55 -24.92 17.32
CA THR C 275 1.26 -23.49 17.43
C THR C 275 1.63 -22.73 16.17
N VAL C 276 2.48 -23.29 15.31
CA VAL C 276 2.58 -22.74 13.98
C VAL C 276 1.45 -23.28 13.11
N PHE C 277 0.94 -24.44 13.45
CA PHE C 277 -0.13 -25.06 12.67
C PHE C 277 -1.46 -24.37 12.91
N MET C 278 -1.57 -23.61 14.00
CA MET C 278 -2.81 -22.90 14.31
C MET C 278 -2.85 -21.45 13.86
N MET C 279 -1.72 -20.76 13.74
CA MET C 279 -1.77 -19.33 13.39
C MET C 279 -2.15 -19.13 11.95
N ALA C 280 -1.76 -20.08 11.09
CA ALA C 280 -2.22 -20.11 9.72
C ALA C 280 -3.73 -20.30 9.65
N LEU C 281 -4.31 -20.97 10.64
CA LEU C 281 -5.76 -21.05 10.70
C LEU C 281 -6.37 -19.86 11.41
N MET C 282 -5.58 -19.11 12.16
CA MET C 282 -6.21 -18.08 12.98
C MET C 282 -6.19 -16.70 12.32
N VAL C 283 -5.10 -16.31 11.69
CA VAL C 283 -5.00 -14.92 11.22
C VAL C 283 -5.63 -14.69 9.86
N VAL C 284 -5.96 -15.74 9.12
CA VAL C 284 -6.52 -15.58 7.78
C VAL C 284 -7.89 -14.90 7.78
N PRO C 285 -8.82 -15.06 8.78
CA PRO C 285 -9.99 -14.19 8.74
C PRO C 285 -9.86 -12.99 9.67
N LEU C 286 -8.82 -12.94 10.49
CA LEU C 286 -8.76 -11.89 11.51
C LEU C 286 -8.32 -10.55 10.94
N SER C 287 -7.47 -10.53 9.93
CA SER C 287 -7.08 -9.30 9.26
C SER C 287 -7.60 -9.40 7.83
N VAL C 288 -8.84 -8.96 7.67
CA VAL C 288 -9.68 -9.21 6.51
C VAL C 288 -10.05 -7.84 5.96
N VAL C 289 -9.08 -6.93 6.02
CA VAL C 289 -9.17 -5.47 5.89
C VAL C 289 -10.08 -4.99 4.77
N ASN C 290 -11.03 -4.14 5.11
CA ASN C 290 -11.92 -3.55 4.12
C ASN C 290 -11.16 -2.53 3.28
N PRO C 291 -11.57 -2.33 2.02
CA PRO C 291 -10.89 -1.32 1.20
C PRO C 291 -11.17 0.11 1.63
N ARG C 292 -12.22 0.34 2.39
CA ARG C 292 -12.64 1.69 2.72
C ARG C 292 -12.51 2.06 4.19
N GLN C 293 -12.09 1.15 5.06
CA GLN C 293 -11.90 1.44 6.48
C GLN C 293 -10.58 0.83 6.97
N GLY C 294 -9.54 0.92 6.15
CA GLY C 294 -8.33 0.14 6.37
C GLY C 294 -7.29 0.81 7.25
N ARG C 295 -6.44 -0.02 7.84
CA ARG C 295 -5.51 0.40 8.89
C ARG C 295 -4.52 -0.73 9.15
N VAL C 296 -3.53 -0.43 9.99
CA VAL C 296 -2.55 -1.42 10.42
C VAL C 296 -2.83 -1.90 11.85
N LEU C 297 -3.83 -1.32 12.52
CA LEU C 297 -4.25 -1.66 13.88
C LEU C 297 -4.70 -3.12 14.03
N SER C 298 -4.99 -3.80 12.93
CA SER C 298 -5.40 -5.20 12.90
C SER C 298 -4.37 -6.16 13.45
N MET C 299 -3.11 -5.75 13.63
CA MET C 299 -2.11 -6.66 14.18
C MET C 299 -2.28 -6.84 15.68
N LEU C 300 -2.95 -5.90 16.35
CA LEU C 300 -3.15 -6.04 17.80
C LEU C 300 -4.02 -7.22 18.21
N PRO C 301 -5.18 -7.50 17.60
CA PRO C 301 -5.92 -8.71 18.01
C PRO C 301 -5.28 -10.00 17.54
N ALA C 302 -4.27 -9.94 16.69
CA ALA C 302 -3.51 -11.13 16.35
C ALA C 302 -2.25 -11.29 17.18
N MET C 303 -1.77 -10.22 17.80
CA MET C 303 -0.61 -10.40 18.65
C MET C 303 -0.97 -10.61 20.09
N LEU C 304 -2.01 -9.95 20.59
CA LEU C 304 -2.33 -10.14 22.00
C LEU C 304 -2.96 -11.50 22.25
N LEU C 305 -3.58 -12.11 21.24
CA LEU C 305 -4.11 -13.45 21.44
C LEU C 305 -2.95 -14.46 21.49
N TYR C 306 -1.93 -14.27 20.67
CA TYR C 306 -0.70 -15.06 20.80
C TYR C 306 0.00 -14.80 22.12
N LEU C 307 -0.11 -13.60 22.66
CA LEU C 307 0.55 -13.35 23.93
C LEU C 307 -0.20 -13.97 25.09
N LEU C 308 -1.54 -13.90 25.08
CA LEU C 308 -2.32 -14.61 26.09
C LEU C 308 -2.19 -16.12 25.94
N PHE C 309 -1.89 -16.59 24.73
CA PHE C 309 -1.42 -17.96 24.55
C PHE C 309 -0.12 -18.18 25.33
N PHE C 310 0.90 -17.43 24.99
CA PHE C 310 2.25 -17.86 25.28
C PHE C 310 2.74 -17.39 26.64
N LEU C 311 2.03 -16.48 27.30
CA LEU C 311 2.25 -16.31 28.74
C LEU C 311 1.84 -17.56 29.49
N ILE C 312 0.76 -18.20 29.06
CA ILE C 312 0.19 -19.31 29.80
C ILE C 312 0.85 -20.62 29.44
N GLN C 313 1.15 -20.81 28.15
CA GLN C 313 1.58 -22.09 27.64
C GLN C 313 2.94 -22.50 28.21
N THR C 314 3.87 -21.56 28.32
CA THR C 314 5.15 -21.90 28.92
C THR C 314 5.13 -21.81 30.44
N SER C 315 4.21 -21.06 31.03
CA SER C 315 4.15 -21.02 32.48
C SER C 315 3.59 -22.30 33.05
N LEU C 316 2.65 -22.93 32.34
CA LEU C 316 2.13 -24.19 32.83
C LEU C 316 3.12 -25.32 32.65
N LYS C 317 4.18 -25.12 31.87
CA LYS C 317 5.21 -26.12 31.72
C LYS C 317 6.36 -25.92 32.71
N SER C 318 6.53 -24.70 33.21
CA SER C 318 7.45 -24.52 34.33
C SER C 318 6.89 -25.12 35.61
N ASN C 319 5.57 -25.26 35.70
CA ASN C 319 4.98 -26.09 36.73
C ASN C 319 5.36 -27.55 36.49
N GLY C 320 5.41 -28.31 37.58
CA GLY C 320 5.88 -29.68 37.46
C GLY C 320 7.39 -29.74 37.54
N GLY C 321 8.05 -30.09 36.43
CA GLY C 321 9.49 -30.17 36.42
C GLY C 321 10.11 -30.65 35.12
N LYS C 322 11.12 -31.50 35.22
CA LYS C 322 11.97 -31.85 34.08
C LYS C 322 11.65 -33.25 33.58
N GLY C 323 11.37 -33.35 32.28
CA GLY C 323 11.20 -34.62 31.61
C GLY C 323 9.96 -35.40 32.00
N LYS C 324 10.18 -36.50 32.74
CA LYS C 324 9.11 -37.39 33.21
C LYS C 324 8.38 -36.85 34.41
N LEU C 325 8.74 -35.67 34.91
CA LEU C 325 7.92 -34.96 35.87
C LEU C 325 6.60 -34.56 35.25
N ASP C 326 5.58 -34.41 36.10
CA ASP C 326 4.19 -34.31 35.63
C ASP C 326 3.48 -33.13 36.28
N PRO C 327 3.30 -32.01 35.56
CA PRO C 327 2.32 -31.01 36.01
C PRO C 327 0.92 -31.38 35.56
N THR C 328 -0.02 -30.45 35.71
CA THR C 328 -1.35 -30.65 35.16
C THR C 328 -1.28 -30.73 33.64
N LEU C 329 -2.17 -31.52 33.06
CA LEU C 329 -2.21 -31.72 31.61
C LEU C 329 -3.28 -30.87 30.95
N TRP C 330 -3.46 -29.64 31.44
CA TRP C 330 -4.34 -28.67 30.80
C TRP C 330 -3.71 -28.04 29.57
N MET C 331 -2.42 -28.26 29.35
CA MET C 331 -1.77 -27.88 28.09
C MET C 331 -2.21 -28.78 26.95
N TRP C 332 -2.78 -29.94 27.25
CA TRP C 332 -3.54 -30.72 26.29
C TRP C 332 -4.88 -30.05 25.95
N THR C 333 -5.29 -29.04 26.72
CA THR C 333 -6.58 -28.41 26.50
C THR C 333 -6.52 -26.97 26.00
N VAL C 334 -5.46 -26.22 26.30
CA VAL C 334 -5.44 -24.82 25.87
C VAL C 334 -5.19 -24.71 24.37
N ASN C 335 -4.41 -25.63 23.81
CA ASN C 335 -4.26 -25.75 22.36
C ASN C 335 -5.60 -26.08 21.69
N LEU C 336 -6.39 -26.96 22.29
CA LEU C 336 -7.67 -27.32 21.70
C LEU C 336 -8.67 -26.18 21.82
N ILE C 337 -8.65 -25.45 22.93
CA ILE C 337 -9.58 -24.36 23.09
C ILE C 337 -9.17 -23.19 22.20
N TYR C 338 -7.90 -23.11 21.78
CA TYR C 338 -7.56 -22.15 20.73
C TYR C 338 -7.90 -22.63 19.34
N LEU C 339 -7.84 -23.95 19.10
CA LEU C 339 -8.34 -24.49 17.84
C LEU C 339 -9.82 -24.22 17.68
N ALA C 340 -10.56 -24.18 18.79
CA ALA C 340 -11.99 -23.90 18.76
C ALA C 340 -12.29 -22.50 18.21
N LEU C 341 -11.71 -21.45 18.82
CA LEU C 341 -11.96 -20.13 18.28
C LEU C 341 -11.13 -19.80 17.06
N ALA C 342 -10.24 -20.69 16.64
CA ALA C 342 -9.74 -20.59 15.28
C ALA C 342 -10.81 -21.05 14.29
N ILE C 343 -11.36 -22.23 14.54
CA ILE C 343 -12.18 -22.88 13.52
C ILE C 343 -13.56 -22.25 13.43
N VAL C 344 -14.04 -21.56 14.47
CA VAL C 344 -15.34 -20.89 14.31
C VAL C 344 -15.22 -19.69 13.38
N LEU C 345 -14.16 -18.89 13.55
CA LEU C 345 -13.91 -17.74 12.70
C LEU C 345 -13.58 -18.17 11.28
N ASN C 346 -12.95 -19.33 11.13
CA ASN C 346 -12.74 -19.84 9.78
C ASN C 346 -14.02 -20.39 9.16
N LEU C 347 -14.96 -20.87 9.97
CA LEU C 347 -16.24 -21.31 9.42
C LEU C 347 -17.11 -20.13 9.01
N TRP C 348 -17.54 -19.34 10.01
CA TRP C 348 -18.43 -18.19 9.86
C TRP C 348 -19.74 -18.59 9.17
N ASP C 349 -20.51 -19.40 9.88
CA ASP C 349 -21.85 -19.80 9.44
C ASP C 349 -22.94 -19.26 10.34
N VAL D 6 -2.80 19.88 8.07
CA VAL D 6 -1.38 20.08 7.93
C VAL D 6 -0.67 18.73 7.79
N LEU D 7 0.20 18.63 6.79
CA LEU D 7 0.87 17.37 6.50
C LEU D 7 1.83 16.97 7.60
N ASP D 8 2.33 17.95 8.36
CA ASP D 8 3.11 17.66 9.55
C ASP D 8 2.35 16.77 10.52
N ARG D 9 1.17 17.22 10.95
CA ARG D 9 0.41 16.42 11.90
C ARG D 9 -0.17 15.18 11.24
N TYR D 10 -0.36 15.17 9.92
CA TYR D 10 -0.82 13.92 9.30
C TYR D 10 0.26 12.85 9.29
N ILE D 11 1.46 13.18 8.84
CA ILE D 11 2.49 12.17 8.76
C ILE D 11 2.94 11.82 10.17
N GLY D 12 2.83 12.76 11.11
CA GLY D 12 3.05 12.43 12.50
C GLY D 12 1.99 11.49 13.05
N LYS D 13 0.75 11.66 12.58
CA LYS D 13 -0.34 10.79 13.02
C LYS D 13 -0.11 9.36 12.57
N THR D 14 0.24 9.17 11.30
CA THR D 14 0.41 7.80 10.81
C THR D 14 1.69 7.16 11.36
N ILE D 15 2.76 7.94 11.53
CA ILE D 15 3.98 7.33 12.05
C ILE D 15 3.86 7.06 13.53
N PHE D 16 3.15 7.90 14.28
CA PHE D 16 2.94 7.64 15.69
C PHE D 16 2.06 6.42 15.90
N THR D 17 1.02 6.28 15.08
CA THR D 17 0.15 5.13 15.21
C THR D 17 0.80 3.83 14.76
N THR D 18 1.77 3.89 13.86
CA THR D 18 2.51 2.65 13.62
C THR D 18 3.69 2.46 14.56
N ILE D 19 4.16 3.53 15.19
CA ILE D 19 5.37 3.41 15.99
C ILE D 19 5.00 2.81 17.34
N MET D 20 3.78 3.08 17.81
CA MET D 20 3.30 2.39 19.01
C MET D 20 3.16 0.90 18.76
N MET D 21 2.75 0.54 17.53
CA MET D 21 2.60 -0.86 17.17
C MET D 21 3.94 -1.58 17.17
N THR D 22 4.93 -0.99 16.52
CA THR D 22 6.23 -1.65 16.45
C THR D 22 6.93 -1.69 17.80
N LEU D 23 6.76 -0.66 18.62
CA LEU D 23 7.39 -0.69 19.93
C LEU D 23 6.74 -1.74 20.82
N PHE D 24 5.41 -1.88 20.74
CA PHE D 24 4.73 -2.93 21.47
C PHE D 24 5.18 -4.31 21.00
N MET D 25 5.27 -4.48 19.68
CA MET D 25 5.64 -5.76 19.09
C MET D 25 7.05 -6.16 19.46
N LEU D 26 7.94 -5.20 19.67
CA LEU D 26 9.27 -5.58 20.13
C LEU D 26 9.31 -5.84 21.64
N VAL D 27 8.80 -4.90 22.44
CA VAL D 27 9.13 -4.99 23.86
C VAL D 27 8.26 -6.04 24.54
N SER D 28 7.03 -6.27 24.08
CA SER D 28 6.24 -7.35 24.65
C SER D 28 6.74 -8.70 24.19
N LEU D 29 7.53 -8.74 23.13
CA LEU D 29 8.17 -9.97 22.75
C LEU D 29 9.37 -10.25 23.64
N SER D 30 10.24 -9.24 23.80
CA SER D 30 11.46 -9.43 24.57
C SER D 30 11.17 -9.63 26.05
N GLY D 31 10.03 -9.12 26.51
CA GLY D 31 9.60 -9.41 27.87
C GLY D 31 9.34 -10.89 28.08
N ILE D 32 8.73 -11.54 27.08
CA ILE D 32 8.49 -12.96 27.28
C ILE D 32 9.74 -13.76 26.95
N ILE D 33 10.67 -13.18 26.18
CA ILE D 33 12.01 -13.75 26.03
C ILE D 33 12.70 -13.88 27.38
N LYS D 34 12.64 -12.82 28.19
CA LYS D 34 13.20 -12.91 29.53
C LYS D 34 12.32 -13.75 30.46
N PHE D 35 11.01 -13.74 30.25
CA PHE D 35 10.10 -14.44 31.13
C PHE D 35 10.30 -15.95 31.05
N VAL D 36 10.56 -16.47 29.84
CA VAL D 36 10.59 -17.92 29.67
C VAL D 36 11.84 -18.52 30.31
N ASP D 37 13.00 -17.86 30.21
CA ASP D 37 14.15 -18.49 30.84
C ASP D 37 14.28 -18.12 32.32
N GLN D 38 13.73 -16.96 32.74
CA GLN D 38 13.73 -16.68 34.17
C GLN D 38 12.78 -17.61 34.92
N LEU D 39 11.62 -17.91 34.35
CA LEU D 39 10.75 -18.89 34.98
C LEU D 39 11.14 -20.31 34.65
N LYS D 40 12.02 -20.51 33.68
CA LYS D 40 12.66 -21.81 33.52
C LYS D 40 13.59 -22.10 34.67
N LYS D 41 14.60 -21.25 34.85
CA LYS D 41 15.60 -21.56 35.87
C LYS D 41 15.12 -21.15 37.26
N ALA D 42 14.92 -19.85 37.48
CA ALA D 42 14.69 -19.34 38.82
C ALA D 42 13.19 -19.37 39.13
N GLY D 43 12.80 -18.75 40.24
CA GLY D 43 11.41 -18.68 40.64
C GLY D 43 10.97 -19.79 41.57
N GLY D 51 6.99 -14.86 41.16
CA GLY D 51 6.79 -16.22 40.67
C GLY D 51 5.57 -16.27 39.79
N ALA D 52 4.67 -15.32 40.00
CA ALA D 52 3.39 -15.32 39.30
C ALA D 52 3.20 -14.08 38.43
N GLY D 53 3.34 -12.87 38.98
CA GLY D 53 2.88 -11.69 38.26
C GLY D 53 3.65 -10.39 38.33
N MET D 54 4.98 -10.44 38.48
CA MET D 54 5.78 -9.22 38.51
C MET D 54 6.76 -9.09 37.36
N TYR D 55 7.02 -10.16 36.62
CA TYR D 55 8.15 -10.21 35.71
C TYR D 55 7.96 -9.35 34.48
N THR D 56 6.70 -9.03 34.14
CA THR D 56 6.44 -8.22 32.97
C THR D 56 6.92 -6.79 33.18
N LEU D 57 6.37 -6.10 34.18
CA LEU D 57 6.84 -4.77 34.52
C LEU D 57 8.06 -4.81 35.43
N LEU D 58 8.71 -5.96 35.55
CA LEU D 58 10.04 -6.02 36.14
C LEU D 58 11.03 -5.16 35.34
N SER D 59 10.95 -5.21 34.00
CA SER D 59 12.04 -4.66 33.20
C SER D 59 11.57 -3.84 32.01
N VAL D 60 10.42 -3.18 32.13
CA VAL D 60 9.85 -2.46 30.99
C VAL D 60 10.63 -1.21 30.57
N PRO D 61 10.88 -0.19 31.42
CA PRO D 61 11.39 1.08 30.86
C PRO D 61 12.82 1.00 30.37
N LYS D 62 13.64 0.11 30.93
CA LYS D 62 14.97 -0.06 30.38
C LYS D 62 14.90 -0.76 29.03
N ASP D 63 13.91 -1.65 28.84
CA ASP D 63 13.71 -2.22 27.51
C ASP D 63 13.16 -1.19 26.53
N VAL D 64 12.40 -0.21 27.02
CA VAL D 64 12.01 0.91 26.18
C VAL D 64 13.22 1.71 25.75
N GLN D 65 14.12 1.99 26.70
CA GLN D 65 15.32 2.76 26.42
C GLN D 65 16.25 2.03 25.45
N ILE D 66 16.28 0.70 25.53
CA ILE D 66 17.07 -0.06 24.58
C ILE D 66 16.40 -0.06 23.21
N PHE D 67 15.20 -0.60 23.12
CA PHE D 67 14.58 -0.88 21.83
C PHE D 67 13.84 0.28 21.24
N PHE D 68 13.95 1.50 21.75
CA PHE D 68 13.20 2.59 21.13
C PHE D 68 13.69 2.98 19.74
N PRO D 69 14.97 3.37 19.52
CA PRO D 69 15.31 3.92 18.20
C PRO D 69 15.32 2.91 17.08
N MET D 70 15.54 1.63 17.38
CA MET D 70 15.43 0.62 16.34
C MET D 70 13.99 0.44 15.93
N ALA D 71 13.08 0.52 16.90
CA ALA D 71 11.66 0.51 16.58
C ALA D 71 11.27 1.78 15.85
N ALA D 72 11.95 2.88 16.13
CA ALA D 72 11.69 4.12 15.41
C ALA D 72 12.05 3.98 13.95
N LEU D 73 13.22 3.40 13.69
CA LEU D 73 13.65 3.10 12.32
C LEU D 73 12.65 2.22 11.61
N LEU D 74 12.32 1.08 12.23
CA LEU D 74 11.52 0.07 11.56
C LEU D 74 10.10 0.57 11.31
N GLY D 75 9.50 1.20 12.31
CA GLY D 75 8.13 1.65 12.16
C GLY D 75 8.00 2.85 11.24
N ALA D 76 8.93 3.82 11.34
CA ALA D 76 8.88 4.98 10.47
C ALA D 76 9.06 4.58 9.02
N LEU D 77 10.02 3.69 8.74
CA LEU D 77 10.21 3.23 7.37
C LEU D 77 9.02 2.42 6.88
N LEU D 78 8.47 1.54 7.71
CA LEU D 78 7.42 0.65 7.23
C LEU D 78 6.11 1.39 7.02
N GLY D 79 5.76 2.29 7.95
CA GLY D 79 4.55 3.07 7.78
C GLY D 79 4.67 4.08 6.67
N LEU D 80 5.85 4.70 6.52
CA LEU D 80 6.02 5.65 5.44
C LEU D 80 6.06 4.95 4.10
N GLY D 81 6.51 3.70 4.06
CA GLY D 81 6.43 2.94 2.81
C GLY D 81 5.02 2.53 2.47
N MET D 82 4.22 2.13 3.47
CA MET D 82 2.84 1.80 3.21
C MET D 82 2.03 3.02 2.80
N LEU D 83 2.39 4.19 3.30
CA LEU D 83 1.79 5.40 2.77
C LEU D 83 2.33 5.73 1.39
N ALA D 84 3.60 5.41 1.16
CA ALA D 84 4.31 5.87 -0.02
C ALA D 84 3.92 5.07 -1.26
N GLN D 85 3.46 3.84 -1.06
CA GLN D 85 3.13 2.98 -2.18
C GLN D 85 1.93 3.49 -2.95
N ARG D 86 1.03 4.23 -2.29
CA ARG D 86 -0.17 4.74 -2.93
C ARG D 86 0.00 6.16 -3.44
N SER D 87 1.24 6.54 -3.77
CA SER D 87 1.61 7.73 -4.53
C SER D 87 1.36 9.04 -3.77
N GLU D 88 1.08 8.97 -2.47
CA GLU D 88 0.84 10.20 -1.72
C GLU D 88 2.11 11.02 -1.59
N LEU D 89 3.26 10.37 -1.42
CA LEU D 89 4.48 11.15 -1.28
C LEU D 89 4.91 11.75 -2.61
N VAL D 90 4.59 11.09 -3.73
CA VAL D 90 5.01 11.66 -5.00
C VAL D 90 4.07 12.78 -5.40
N VAL D 91 2.80 12.74 -4.97
CA VAL D 91 1.97 13.90 -5.29
C VAL D 91 2.25 15.06 -4.33
N MET D 92 2.66 14.78 -3.08
CA MET D 92 3.01 15.91 -2.22
C MET D 92 4.35 16.51 -2.62
N GLN D 93 5.23 15.71 -3.22
CA GLN D 93 6.41 16.27 -3.85
C GLN D 93 6.01 17.11 -5.06
N ALA D 94 5.02 16.63 -5.82
CA ALA D 94 4.58 17.36 -7.00
C ALA D 94 3.95 18.70 -6.65
N SER D 95 3.33 18.79 -5.48
CA SER D 95 2.86 20.08 -5.05
C SER D 95 3.97 20.97 -4.53
N GLY D 96 5.08 20.40 -4.06
CA GLY D 96 6.18 21.25 -3.65
C GLY D 96 6.85 20.90 -2.33
N PHE D 97 6.54 19.75 -1.76
CA PHE D 97 7.34 19.26 -0.65
C PHE D 97 8.69 18.75 -1.16
N THR D 98 9.67 18.77 -0.26
CA THR D 98 11.07 18.48 -0.56
C THR D 98 11.59 17.58 0.54
N ARG D 99 12.90 17.63 0.78
CA ARG D 99 13.46 17.19 2.06
C ARG D 99 12.87 17.93 3.27
N MET D 100 12.16 19.05 3.08
CA MET D 100 11.56 19.76 4.20
C MET D 100 10.50 18.94 4.91
N GLN D 101 9.82 18.03 4.21
CA GLN D 101 8.82 17.22 4.89
C GLN D 101 9.49 16.22 5.82
N VAL D 102 10.62 15.66 5.39
CA VAL D 102 11.48 14.87 6.27
C VAL D 102 11.87 15.71 7.48
N ALA D 103 12.48 16.86 7.20
CA ALA D 103 13.18 17.66 8.20
C ALA D 103 12.23 18.18 9.27
N LEU D 104 11.13 18.79 8.86
CA LEU D 104 10.18 19.38 9.78
C LEU D 104 8.93 18.53 9.94
N SER D 105 8.95 17.27 9.53
CA SER D 105 7.82 16.40 9.86
C SER D 105 8.23 15.14 10.60
N VAL D 106 9.10 14.31 10.02
CA VAL D 106 9.32 13.02 10.64
C VAL D 106 10.31 13.16 11.78
N MET D 107 11.32 14.01 11.59
CA MET D 107 12.17 14.43 12.69
C MET D 107 11.34 15.14 13.77
N LYS D 108 10.50 16.08 13.34
CA LYS D 108 9.73 16.92 14.26
C LYS D 108 8.72 16.11 15.06
N THR D 109 8.34 14.93 14.61
CA THR D 109 7.50 14.08 15.44
C THR D 109 8.24 12.89 16.03
N ALA D 110 9.48 12.63 15.63
CA ALA D 110 10.20 11.49 16.19
C ALA D 110 11.17 11.86 17.29
N ILE D 111 11.93 12.94 17.15
CA ILE D 111 12.82 13.33 18.24
C ILE D 111 12.09 13.86 19.49
N PRO D 112 10.86 14.42 19.44
CA PRO D 112 10.14 14.54 20.72
C PRO D 112 9.71 13.21 21.32
N LEU D 113 9.70 12.14 20.53
CA LEU D 113 9.48 10.83 21.12
C LEU D 113 10.75 10.23 21.69
N VAL D 114 11.93 10.77 21.39
CA VAL D 114 13.15 10.30 22.03
C VAL D 114 13.57 11.18 23.19
N LEU D 115 13.07 12.43 23.25
CA LEU D 115 13.28 13.24 24.44
C LEU D 115 12.66 12.61 25.68
N LEU D 116 11.48 12.01 25.56
CA LEU D 116 10.97 11.40 26.78
C LEU D 116 11.58 10.04 27.05
N THR D 117 12.23 9.41 26.09
CA THR D 117 12.99 8.21 26.45
C THR D 117 14.27 8.57 27.18
N MET D 118 14.93 9.68 26.77
CA MET D 118 16.00 10.24 27.59
C MET D 118 15.49 10.64 28.97
N ALA D 119 14.26 11.14 29.05
CA ALA D 119 13.67 11.45 30.34
C ALA D 119 13.41 10.19 31.16
N ILE D 120 13.03 9.09 30.50
CA ILE D 120 12.72 7.88 31.26
C ILE D 120 14.02 7.26 31.78
N GLY D 121 15.09 7.35 30.98
CA GLY D 121 16.38 6.81 31.35
C GLY D 121 17.18 7.70 32.28
N GLU D 122 16.83 8.98 32.37
CA GLU D 122 17.44 9.84 33.38
C GLU D 122 16.65 9.83 34.68
N TRP D 123 15.32 9.77 34.60
CA TRP D 123 14.47 9.96 35.77
C TRP D 123 14.19 8.65 36.50
N VAL D 124 13.64 7.64 35.82
CA VAL D 124 13.05 6.54 36.57
C VAL D 124 13.54 5.16 36.13
N ALA D 125 14.15 5.00 34.96
CA ALA D 125 14.58 3.67 34.54
C ALA D 125 15.74 3.10 35.36
N PRO D 126 16.72 3.89 35.86
CA PRO D 126 17.58 3.33 36.92
C PRO D 126 16.82 2.93 38.16
N GLN D 127 15.80 3.70 38.56
CA GLN D 127 14.93 3.21 39.61
C GLN D 127 14.05 2.07 39.10
N GLY D 128 13.80 2.04 37.79
CA GLY D 128 13.10 0.93 37.18
C GLY D 128 13.83 -0.39 37.26
N GLU D 129 15.16 -0.34 37.37
CA GLU D 129 15.88 -1.55 37.70
C GLU D 129 16.23 -1.67 39.18
N GLN D 130 16.23 -0.56 39.93
CA GLN D 130 16.37 -0.64 41.38
C GLN D 130 15.22 -1.41 42.01
N MET D 131 14.02 -1.26 41.45
CA MET D 131 12.87 -2.01 41.93
C MET D 131 13.06 -3.51 41.70
N ALA D 132 13.63 -3.87 40.55
CA ALA D 132 13.94 -5.27 40.28
C ALA D 132 15.03 -5.79 41.21
N ARG D 133 16.05 -4.96 41.48
CA ARG D 133 17.14 -5.38 42.35
C ARG D 133 16.66 -5.61 43.78
N ASN D 134 15.87 -4.69 44.32
CA ASN D 134 15.41 -4.93 45.69
C ASN D 134 14.17 -5.80 45.76
N TYR D 135 13.65 -6.26 44.63
CA TYR D 135 12.69 -7.36 44.66
C TYR D 135 13.34 -8.70 44.31
N ARG D 136 14.65 -8.71 44.01
CA ARG D 136 15.38 -9.98 43.94
C ARG D 136 15.46 -10.73 45.26
N ALA D 137 15.18 -10.07 46.39
CA ALA D 137 15.45 -10.59 47.73
C ALA D 137 14.59 -11.79 48.12
N GLN D 138 13.66 -12.23 47.29
CA GLN D 138 12.98 -13.49 47.50
C GLN D 138 13.64 -14.65 46.78
N ALA D 139 14.57 -14.37 45.88
CA ALA D 139 15.31 -15.42 45.18
C ALA D 139 16.54 -15.78 46.01
N MET D 140 17.40 -16.63 45.44
CA MET D 140 18.61 -17.04 46.14
C MET D 140 19.83 -16.85 45.24
N PRO D 246 27.88 0.29 34.71
CA PRO D 246 26.52 -0.24 34.79
C PRO D 246 25.64 0.24 33.63
N ASP D 247 26.19 1.13 32.81
CA ASP D 247 25.60 1.58 31.55
C ASP D 247 24.25 2.26 31.73
N ALA D 248 23.98 2.83 32.90
CA ALA D 248 22.81 3.67 33.11
C ALA D 248 23.14 4.66 34.23
N LEU D 249 23.59 5.86 33.84
CA LEU D 249 24.00 6.86 34.81
C LEU D 249 24.03 8.23 34.15
N SER D 250 24.45 9.22 34.93
CA SER D 250 24.58 10.63 34.55
C SER D 250 26.01 11.08 34.84
N ILE D 251 26.24 12.40 34.84
CA ILE D 251 27.59 12.93 35.00
C ILE D 251 28.12 12.74 36.42
N SER D 252 27.25 12.37 37.38
CA SER D 252 27.60 12.34 38.79
C SER D 252 28.55 11.20 39.18
N GLY D 253 29.05 10.42 38.23
CA GLY D 253 30.11 9.48 38.55
C GLY D 253 31.26 9.64 37.59
N LEU D 254 30.98 10.28 36.45
CA LEU D 254 31.91 10.21 35.32
C LEU D 254 33.14 11.09 35.55
N HIS D 255 32.94 12.30 36.07
CA HIS D 255 34.07 13.21 36.20
C HIS D 255 35.01 12.78 37.33
N ASN D 256 34.57 11.92 38.22
CA ASN D 256 35.46 11.28 39.18
C ASN D 256 36.03 9.97 38.66
N TYR D 257 35.32 9.31 37.74
CA TYR D 257 35.91 8.20 36.99
C TYR D 257 37.09 8.66 36.15
N VAL D 258 37.05 9.93 35.70
CA VAL D 258 38.16 10.54 34.97
C VAL D 258 39.44 10.49 35.80
N LYS D 259 39.35 10.87 37.07
CA LYS D 259 40.48 10.71 37.97
C LYS D 259 40.75 9.24 38.25
N TYR D 260 39.70 8.43 38.33
CA TYR D 260 39.84 7.00 38.63
C TYR D 260 40.51 6.24 37.49
N ARG D 270 39.18 4.13 28.14
CA ARG D 270 38.10 3.82 29.05
C ARG D 270 36.77 4.29 28.46
N TYR D 271 35.74 4.36 29.29
CA TYR D 271 34.49 5.00 28.90
C TYR D 271 34.46 6.44 29.40
N GLN D 272 35.47 7.21 28.95
CA GLN D 272 35.62 8.57 29.45
C GLN D 272 34.53 9.50 28.93
N LEU D 273 34.06 9.30 27.71
CA LEU D 273 32.90 10.04 27.22
C LEU D 273 31.93 9.11 26.53
N ASN D 274 31.98 7.82 26.85
CA ASN D 274 31.06 6.87 26.23
C ASN D 274 29.64 7.08 26.73
N MET D 275 29.46 7.29 28.02
CA MET D 275 28.11 7.64 28.47
C MET D 275 27.75 9.06 28.07
N TRP D 276 28.72 9.93 27.83
CA TRP D 276 28.42 11.24 27.28
C TRP D 276 27.81 11.10 25.89
N SER D 277 28.35 10.20 25.09
CA SER D 277 27.75 9.84 23.81
C SER D 277 26.42 9.13 23.99
N LYS D 278 26.26 8.38 25.08
CA LYS D 278 24.97 7.75 25.36
C LYS D 278 23.90 8.79 25.66
N ILE D 279 24.27 9.81 26.43
CA ILE D 279 23.36 10.93 26.69
C ILE D 279 23.06 11.66 25.39
N PHE D 280 24.07 11.83 24.55
CA PHE D 280 23.85 12.51 23.28
C PHE D 280 23.30 11.50 22.25
N GLN D 281 22.01 11.25 22.32
CA GLN D 281 21.33 10.62 21.19
C GLN D 281 19.93 11.11 20.78
N PRO D 282 19.64 12.43 20.69
CA PRO D 282 18.48 12.79 19.86
C PRO D 282 18.92 12.99 18.43
N LEU D 283 20.22 13.21 18.26
CA LEU D 283 20.76 13.51 16.95
C LEU D 283 21.30 12.28 16.27
N SER D 284 21.79 11.31 17.04
CA SER D 284 22.21 10.05 16.44
C SER D 284 21.00 9.29 15.91
N VAL D 285 19.88 9.34 16.62
CA VAL D 285 18.67 8.72 16.07
C VAL D 285 18.16 9.52 14.88
N ALA D 286 18.42 10.83 14.86
CA ALA D 286 18.00 11.65 13.73
C ALA D 286 18.78 11.29 12.47
N VAL D 287 20.10 11.13 12.61
CA VAL D 287 20.93 10.70 11.49
C VAL D 287 20.62 9.26 11.13
N MET D 288 20.39 8.42 12.15
CA MET D 288 20.02 7.02 11.99
C MET D 288 18.78 6.88 11.11
N MET D 289 17.80 7.74 11.33
CA MET D 289 16.54 7.69 10.63
C MET D 289 16.55 8.49 9.35
N LEU D 290 17.41 9.49 9.28
CA LEU D 290 17.31 10.52 8.27
C LEU D 290 17.77 10.01 6.92
N MET D 291 19.03 9.55 6.84
CA MET D 291 19.48 9.00 5.57
C MET D 291 18.84 7.66 5.28
N ALA D 292 18.29 6.99 6.30
CA ALA D 292 17.52 5.78 6.08
C ALA D 292 16.27 6.08 5.27
N LEU D 293 15.48 7.04 5.72
CA LEU D 293 14.27 7.36 4.98
C LEU D 293 14.54 8.29 3.81
N SER D 294 15.79 8.73 3.64
CA SER D 294 16.15 9.34 2.37
C SER D 294 16.12 8.32 1.25
N PHE D 295 16.37 7.06 1.58
CA PHE D 295 16.28 6.00 0.59
C PHE D 295 14.84 5.68 0.23
N ILE D 296 13.88 6.08 1.06
CA ILE D 296 12.46 5.92 0.76
C ILE D 296 11.82 7.24 0.32
N PHE D 297 12.56 8.34 0.41
CA PHE D 297 12.15 9.60 -0.21
C PHE D 297 12.08 9.45 -1.73
N GLY D 298 13.00 8.69 -2.30
CA GLY D 298 13.06 8.53 -3.73
C GLY D 298 12.02 7.62 -4.36
N PRO D 299 12.10 6.30 -4.09
CA PRO D 299 11.99 5.26 -5.13
C PRO D 299 10.96 5.46 -6.23
N LEU D 300 11.41 5.46 -7.48
CA LEU D 300 10.53 5.83 -8.58
C LEU D 300 10.74 5.01 -9.87
N ARG D 301 11.03 3.71 -9.78
CA ARG D 301 11.27 2.96 -11.03
C ARG D 301 9.97 2.70 -11.78
N SER D 302 8.96 2.14 -11.13
CA SER D 302 7.59 2.23 -11.61
C SER D 302 6.73 2.87 -10.53
N VAL D 303 6.52 2.16 -9.44
CA VAL D 303 5.81 2.49 -8.19
C VAL D 303 6.31 1.42 -7.22
N PRO D 304 7.58 1.47 -6.87
CA PRO D 304 8.40 0.25 -6.71
C PRO D 304 7.99 -0.81 -5.68
N MET D 305 6.97 -0.53 -4.84
CA MET D 305 6.31 -1.52 -3.98
C MET D 305 7.29 -2.15 -2.99
N GLY D 306 7.82 -1.35 -2.05
CA GLY D 306 8.45 -1.80 -0.82
C GLY D 306 9.48 -2.92 -0.86
N VAL D 307 10.02 -3.20 -2.05
CA VAL D 307 11.05 -4.21 -2.22
C VAL D 307 12.39 -3.75 -1.67
N ARG D 308 12.52 -2.47 -1.39
CA ARG D 308 13.77 -1.88 -1.00
C ARG D 308 13.71 -1.20 0.35
N VAL D 309 12.57 -1.21 1.03
CA VAL D 309 12.55 -0.72 2.40
C VAL D 309 13.33 -1.66 3.32
N VAL D 310 13.39 -2.94 2.95
CA VAL D 310 14.25 -3.88 3.66
C VAL D 310 15.72 -3.53 3.43
N THR D 311 16.07 -3.08 2.22
CA THR D 311 17.44 -2.64 1.99
C THR D 311 17.70 -1.31 2.68
N GLY D 312 16.67 -0.49 2.83
CA GLY D 312 16.84 0.77 3.53
C GLY D 312 17.15 0.56 5.00
N ILE D 313 16.38 -0.30 5.65
CA ILE D 313 16.67 -0.61 7.05
C ILE D 313 17.97 -1.41 7.16
N SER D 314 18.33 -2.18 6.13
CA SER D 314 19.61 -2.90 6.13
C SER D 314 20.79 -1.94 6.09
N PHE D 315 20.84 -1.11 5.05
CA PHE D 315 21.91 -0.15 4.84
C PHE D 315 21.92 0.96 5.89
N GLY D 316 20.81 1.15 6.61
CA GLY D 316 20.83 2.02 7.76
C GLY D 316 21.08 1.33 9.07
N PHE D 317 21.04 0.00 9.10
CA PHE D 317 21.25 -0.71 10.36
C PHE D 317 22.69 -0.69 10.81
N VAL D 318 23.64 -0.58 9.87
CA VAL D 318 25.06 -0.74 10.19
C VAL D 318 25.61 0.47 10.93
N PHE D 319 24.78 1.47 11.21
CA PHE D 319 25.30 2.61 11.93
C PHE D 319 25.48 2.31 13.40
N TYR D 320 24.72 1.39 13.97
CA TYR D 320 25.12 0.92 15.29
C TYR D 320 26.34 0.03 15.23
N VAL D 321 26.57 -0.63 14.10
CA VAL D 321 27.77 -1.43 13.94
C VAL D 321 29.00 -0.55 13.82
N LEU D 322 28.84 0.65 13.27
CA LEU D 322 29.98 1.53 13.04
C LEU D 322 30.14 2.57 14.16
N ASP D 323 29.06 3.21 14.58
CA ASP D 323 29.13 4.40 15.42
C ASP D 323 29.58 4.04 16.82
N GLN D 324 28.97 3.01 17.42
CA GLN D 324 29.37 2.62 18.76
C GLN D 324 30.77 2.00 18.77
N ILE D 325 31.20 1.44 17.64
CA ILE D 325 32.49 0.77 17.57
C ILE D 325 33.56 1.72 17.01
N PHE D 326 33.16 2.84 16.41
CA PHE D 326 34.15 3.89 16.14
C PHE D 326 34.66 4.51 17.44
N GLY D 327 33.87 4.44 18.50
CA GLY D 327 34.25 4.85 19.83
C GLY D 327 35.57 4.29 20.35
N PRO D 328 35.73 2.96 20.34
CA PRO D 328 37.05 2.40 20.70
C PRO D 328 38.17 2.73 19.72
N LEU D 329 37.86 3.19 18.51
CA LEU D 329 38.91 3.56 17.58
C LEU D 329 39.46 4.96 17.87
N THR D 330 38.71 5.78 18.61
CA THR D 330 39.11 7.17 18.85
C THR D 330 40.34 7.25 19.75
N LEU D 331 40.38 6.41 20.78
CA LEU D 331 41.38 6.52 21.84
C LEU D 331 42.78 6.15 21.40
N VAL D 332 42.93 5.38 20.33
CA VAL D 332 44.19 4.69 20.07
C VAL D 332 45.28 5.64 19.56
N TYR D 333 44.92 6.84 19.11
CA TYR D 333 45.92 7.76 18.60
C TYR D 333 45.80 9.17 19.16
N GLY D 334 44.98 9.38 20.18
CA GLY D 334 44.93 10.69 20.82
C GLY D 334 43.89 11.59 20.19
N ILE D 335 42.84 11.93 20.93
CA ILE D 335 41.71 12.66 20.38
C ILE D 335 40.99 13.37 21.52
N PRO D 336 40.30 14.48 21.25
CA PRO D 336 39.24 14.90 22.16
C PRO D 336 37.97 14.12 21.85
N PRO D 337 37.43 13.38 22.85
CA PRO D 337 36.30 12.48 22.57
C PRO D 337 34.99 13.18 22.25
N ILE D 338 34.88 14.49 22.51
CA ILE D 338 33.74 15.28 22.05
C ILE D 338 33.61 15.22 20.54
N ILE D 339 34.66 15.62 19.81
CA ILE D 339 34.62 15.51 18.36
C ILE D 339 34.81 14.07 17.94
N GLY D 340 35.40 13.22 18.81
CA GLY D 340 35.46 11.80 18.51
C GLY D 340 34.09 11.15 18.41
N ALA D 341 33.13 11.64 19.20
CA ALA D 341 31.76 11.16 19.08
C ALA D 341 30.96 11.94 18.05
N LEU D 342 31.28 13.22 17.84
CA LEU D 342 30.54 14.04 16.90
C LEU D 342 30.94 13.85 15.45
N LEU D 343 32.09 13.25 15.16
CA LEU D 343 32.38 13.01 13.76
C LEU D 343 31.57 11.87 13.11
N PRO D 344 31.47 10.65 13.66
CA PRO D 344 30.74 9.62 12.91
C PRO D 344 29.24 9.84 12.92
N SER D 345 28.73 10.61 13.87
CA SER D 345 27.32 10.94 13.84
C SER D 345 27.01 12.02 12.80
N ALA D 346 27.92 12.97 12.58
CA ALA D 346 27.64 14.07 11.67
C ALA D 346 28.14 13.85 10.25
N SER D 347 29.08 12.93 10.05
CA SER D 347 29.49 12.59 8.70
C SER D 347 28.33 11.94 7.93
N PHE D 348 27.60 11.04 8.58
CA PHE D 348 26.44 10.45 7.95
C PHE D 348 25.26 11.40 7.94
N PHE D 349 25.28 12.44 8.77
CA PHE D 349 24.34 13.54 8.57
C PHE D 349 24.63 14.24 7.25
N LEU D 350 25.91 14.44 6.94
CA LEU D 350 26.30 15.12 5.72
C LEU D 350 26.32 14.21 4.50
N ILE D 351 26.17 12.89 4.66
CA ILE D 351 26.46 12.01 3.53
C ILE D 351 25.38 12.04 2.45
N SER D 352 24.10 12.22 2.81
CA SER D 352 23.02 11.94 1.88
C SER D 352 21.97 13.04 1.92
N LEU D 353 22.40 14.27 1.78
CA LEU D 353 21.47 15.40 1.88
C LEU D 353 20.52 15.55 0.68
N TRP D 354 20.42 14.60 -0.25
CA TRP D 354 19.30 14.57 -1.16
C TRP D 354 18.08 14.15 -0.38
#